data_3C15
#
_entry.id   3C15
#
_cell.length_a   117.510
_cell.length_b   133.080
_cell.length_c   70.108
_cell.angle_alpha   90.00
_cell.angle_beta   90.00
_cell.angle_gamma   90.00
#
_symmetry.space_group_name_H-M   'P 21 21 2'
#
loop_
_entity.id
_entity.type
_entity.pdbx_description
1 polymer 'Adenylate cyclase type 5'
2 polymer 'Adenylate cyclase type 2'
3 polymer 'Guanine nucleotide-binding protein G(s) subunit alpha isoforms short'
4 non-polymer 'MAGNESIUM ION'
5 non-polymer FORSKOLIN
6 non-polymer 'PYROPHOSPHATE 2-'
7 non-polymer 'CHLORIDE ION'
8 non-polymer "5'-GUANOSINE-DIPHOSPHATE-MONOTHIOPHOSPHATE"
9 water water
#
loop_
_entity_poly.entity_id
_entity_poly.type
_entity_poly.pdbx_seq_one_letter_code
_entity_poly.pdbx_strand_id
1 'polypeptide(L)'
;MHHHHHHAMEMKADINAKQEDMMFHKIYIQKHDNVSILFADIEGFTSLASQCTAQELVMTLNELFARFDKLAAENHCLRI
KILGDCYYCVSGLPEARADHAHCCVEMGMDMIEAISLVREMTGVNVNMRVGIHSGRVHCGVLGLRKWQFDVWSNDVTLAN
HMEAGGKAGRIHITKATLSYLNGDYEVEPGCGGERNAYLKEHSIETFLILRCTQKRKEEKAMIAK
;
A
2 'polypeptide(L)'
;RSLKNEELYHQSYDCVCVMFASIPDFKEFYTESDVNKEGLECLRLLNEIIADFDDLLSKPKFSGVEKIKTIGSTYMAATG
LSAIPSQEHAQEPERQYMHIGTMVEFAYALVGKLDAINKHSFNDFKLRVGINHGPVIAGVIGAQKPQYDIWGNTVNVASR
MDSTGVLDKIQVTEETSLILQTLGYTCTCRGIINVKGKGDLKTYFVNTEMSR
;
B
3 'polypeptide(L)'
;MGCLGNSKTEDQRNEEKAQREANKKIEKQLQKDKQVYRATHRLLLLGAGESGKSTIVKQMRILHVNGFNGEGGEEDPQAA
RSNSDGEKATKVQDIKNNLKEAIETIVAAMSNLVPPVELANPENQFRVDYILSVMNVPDFDFPPEFYEHAKALWEDEGVR
ACYERSNEYQLIDCAQYFLDKIDVIKQDDYVPSDQDLLRCRVLTSGIFETKFQVDKVNFHMFDVGGQRDERRKWIQCFND
VTAIIFVVASSSYNMVIREDNQTNRLQEALNLFKSIWNNRWLRTISVILFLNKQDLLAEKVLAGKSKIEDYFPEFARYTT
PEDATPEPGEDPRVTRAKYFIRDEFLRISTASGDGRHYCYPHFTCAVDTENIRRVFNDCRDIIQRMHLRQYELLGGHHHH
HH
;
C
#
loop_
_chem_comp.id
_chem_comp.type
_chem_comp.name
_chem_comp.formula
CL non-polymer 'CHLORIDE ION' 'Cl -1'
FOK non-polymer FORSKOLIN 'C22 H34 O7'
GSP non-polymer 5'-GUANOSINE-DIPHOSPHATE-MONOTHIOPHOSPHATE 'C10 H16 N5 O13 P3 S'
MG non-polymer 'MAGNESIUM ION' 'Mg 2'
POP non-polymer 'PYROPHOSPHATE 2-' 'H2 O7 P2 -2'
#
# COMPACT_ATOMS: atom_id res chain seq x y z
N ASP A 21 8.16 2.35 18.05
CA ASP A 21 9.20 2.54 19.10
C ASP A 21 9.70 1.19 19.65
N MET A 22 8.83 0.19 19.64
CA MET A 22 9.21 -1.18 20.03
C MET A 22 8.97 -2.17 18.89
N MET A 23 7.80 -2.10 18.26
CA MET A 23 7.44 -3.07 17.21
C MET A 23 7.76 -2.62 15.79
N PHE A 24 7.61 -1.32 15.54
CA PHE A 24 8.24 -0.70 14.38
C PHE A 24 9.50 -0.02 14.87
N HIS A 25 10.57 -0.09 14.08
CA HIS A 25 11.78 0.67 14.37
C HIS A 25 11.41 2.13 14.48
N LYS A 26 12.10 2.86 15.34
CA LYS A 26 11.88 4.29 15.47
C LYS A 26 12.12 4.97 14.12
N ILE A 27 11.13 5.73 13.66
CA ILE A 27 11.28 6.47 12.42
C ILE A 27 11.72 7.90 12.70
N TYR A 28 12.84 8.28 12.10
CA TYR A 28 13.38 9.62 12.27
C TYR A 28 12.87 10.55 11.17
N ILE A 29 11.55 10.74 11.14
CA ILE A 29 10.88 11.54 10.12
C ILE A 29 9.93 12.55 10.78
N GLN A 30 9.77 13.71 10.15
CA GLN A 30 8.91 14.77 10.69
C GLN A 30 8.24 15.62 9.61
N LYS A 31 6.93 15.82 9.76
CA LYS A 31 6.11 16.61 8.82
C LYS A 31 6.56 18.07 8.77
N HIS A 32 6.56 18.66 7.58
CA HIS A 32 6.97 20.06 7.41
C HIS A 32 6.25 20.76 6.26
N ASP A 33 5.19 21.50 6.60
CA ASP A 33 4.41 22.28 5.61
C ASP A 33 5.15 23.53 5.12
N ASN A 34 4.58 24.16 4.10
CA ASN A 34 5.04 25.46 3.57
C ASN A 34 6.55 25.55 3.29
N VAL A 35 7.07 24.52 2.63
CA VAL A 35 8.45 24.53 2.13
C VAL A 35 8.44 24.53 0.59
N SER A 36 9.57 24.88 -0.01
CA SER A 36 9.70 24.87 -1.47
C SER A 36 10.81 23.92 -1.89
N ILE A 37 10.61 23.18 -2.97
CA ILE A 37 11.56 22.14 -3.38
C ILE A 37 12.16 22.35 -4.78
N LEU A 38 13.45 22.69 -4.82
CA LEU A 38 14.20 22.82 -6.07
C LEU A 38 14.86 21.51 -6.48
N PHE A 39 14.82 21.23 -7.79
CA PHE A 39 15.62 20.19 -8.42
C PHE A 39 16.37 20.83 -9.59
N ALA A 40 17.61 20.40 -9.79
CA ALA A 40 18.44 20.94 -10.84
C ALA A 40 19.33 19.88 -11.48
N ASP A 41 19.16 19.72 -12.79
CA ASP A 41 19.90 18.74 -13.56
C ASP A 41 20.83 19.45 -14.54
N ILE A 42 21.90 18.77 -14.94
CA ILE A 42 22.78 19.31 -15.95
C ILE A 42 22.33 18.85 -17.31
N GLU A 43 22.04 19.82 -18.17
CA GLU A 43 21.65 19.54 -19.55
C GLU A 43 22.90 19.26 -20.37
N GLY A 44 22.89 18.14 -21.08
CA GLY A 44 24.04 17.74 -21.89
C GLY A 44 25.16 17.18 -21.04
N PHE A 45 24.78 16.49 -19.96
CA PHE A 45 25.72 15.81 -19.08
C PHE A 45 26.44 14.65 -19.77
N THR A 46 25.79 14.03 -20.75
CA THR A 46 26.38 12.90 -21.47
C THR A 46 27.45 13.34 -22.46
N SER A 47 27.22 14.48 -23.12
CA SER A 47 28.19 15.05 -24.05
C SER A 47 29.49 15.49 -23.37
N LEU A 48 29.34 16.03 -22.17
CA LEU A 48 30.48 16.30 -21.29
C LEU A 48 31.18 15.00 -20.93
N ALA A 49 30.41 14.03 -20.45
CA ALA A 49 30.93 12.72 -20.02
C ALA A 49 31.59 11.96 -21.17
N SER A 50 31.18 12.28 -22.39
CA SER A 50 31.80 11.77 -23.61
C SER A 50 33.19 12.37 -23.84
N GLN A 51 33.28 13.70 -23.80
CA GLN A 51 34.50 14.43 -24.13
C GLN A 51 35.67 14.17 -23.16
N CYS A 52 35.58 14.76 -21.96
CA CYS A 52 36.68 14.70 -21.00
C CYS A 52 36.85 13.33 -20.34
N THR A 53 37.95 13.18 -19.59
CA THR A 53 38.37 11.90 -19.02
C THR A 53 37.42 11.36 -17.94
N ALA A 54 37.57 10.07 -17.65
CA ALA A 54 36.77 9.37 -16.63
C ALA A 54 36.85 10.04 -15.26
N GLN A 55 38.00 10.66 -14.98
CA GLN A 55 38.31 11.23 -13.67
C GLN A 55 38.00 12.71 -13.63
N GLU A 56 38.47 13.45 -14.65
CA GLU A 56 38.28 14.90 -14.78
C GLU A 56 36.79 15.28 -14.74
N LEU A 57 35.95 14.38 -15.25
CA LEU A 57 34.50 14.52 -15.13
C LEU A 57 34.11 14.66 -13.66
N VAL A 58 34.57 13.69 -12.84
CA VAL A 58 34.25 13.65 -11.42
C VAL A 58 34.79 14.88 -10.69
N MET A 59 35.91 15.42 -11.18
CA MET A 59 36.46 16.64 -10.61
C MET A 59 35.75 17.90 -11.08
N THR A 60 35.27 17.88 -12.32
CA THR A 60 34.49 19.00 -12.87
C THR A 60 33.10 19.06 -12.23
N LEU A 61 32.67 17.90 -11.70
CA LEU A 61 31.38 17.76 -11.02
C LEU A 61 31.48 18.13 -9.54
N ASN A 62 32.51 17.59 -8.86
CA ASN A 62 32.77 17.84 -7.44
C ASN A 62 33.04 19.31 -7.15
N GLU A 63 33.72 19.97 -8.08
CA GLU A 63 34.00 21.40 -8.00
C GLU A 63 32.70 22.21 -8.03
N LEU A 64 31.86 21.93 -9.02
CA LEU A 64 30.58 22.62 -9.20
C LEU A 64 29.63 22.49 -8.02
N PHE A 65 29.47 21.27 -7.48
CA PHE A 65 28.53 21.05 -6.38
C PHE A 65 29.02 21.59 -5.02
N ALA A 66 30.33 21.75 -4.87
CA ALA A 66 30.87 22.43 -3.69
C ALA A 66 30.73 23.94 -3.86
N ARG A 67 30.69 24.38 -5.12
CA ARG A 67 30.35 25.75 -5.46
C ARG A 67 28.87 26.00 -5.19
N PHE A 68 28.03 25.02 -5.50
CA PHE A 68 26.59 25.09 -5.23
C PHE A 68 26.30 25.10 -3.75
N ASP A 69 27.07 24.32 -2.99
CA ASP A 69 26.81 24.14 -1.57
C ASP A 69 27.04 25.41 -0.77
N LYS A 70 27.90 26.30 -1.28
CA LYS A 70 28.07 27.65 -0.72
C LYS A 70 26.79 28.45 -0.92
N LEU A 71 26.32 28.45 -2.17
CA LEU A 71 25.20 29.28 -2.60
C LEU A 71 23.96 28.92 -1.83
N ALA A 72 23.77 27.62 -1.62
CA ALA A 72 22.65 27.08 -0.86
C ALA A 72 22.50 27.74 0.52
N ALA A 73 23.58 27.72 1.30
CA ALA A 73 23.59 28.21 2.68
C ALA A 73 23.34 29.72 2.79
N GLU A 74 23.87 30.48 1.82
CA GLU A 74 23.62 31.93 1.71
C GLU A 74 22.15 32.20 1.39
N ASN A 75 21.61 31.37 0.50
CA ASN A 75 20.22 31.45 0.10
C ASN A 75 19.30 30.67 1.04
N HIS A 76 19.84 30.30 2.20
CA HIS A 76 19.10 29.58 3.25
C HIS A 76 18.40 28.31 2.74
N CYS A 77 19.06 27.64 1.80
CA CYS A 77 18.60 26.36 1.26
C CYS A 77 19.41 25.25 1.89
N LEU A 78 18.72 24.31 2.52
CA LEU A 78 19.37 23.10 2.97
C LEU A 78 19.45 22.09 1.84
N ARG A 79 20.67 21.85 1.36
CA ARG A 79 20.96 20.83 0.34
C ARG A 79 20.51 19.46 0.82
N ILE A 80 19.90 18.70 -0.07
CA ILE A 80 19.57 17.33 0.26
C ILE A 80 20.66 16.38 -0.25
N LYS A 81 20.66 16.13 -1.56
CA LYS A 81 21.53 15.12 -2.15
C LYS A 81 22.07 15.46 -3.54
N ILE A 82 23.13 14.77 -3.91
CA ILE A 82 23.58 14.69 -5.29
C ILE A 82 23.25 13.27 -5.76
N LEU A 83 22.51 13.16 -6.86
CA LEU A 83 22.17 11.86 -7.42
C LEU A 83 22.72 11.73 -8.82
N GLY A 84 24.03 11.64 -8.94
CA GLY A 84 24.71 11.66 -10.24
C GLY A 84 24.83 13.09 -10.67
N ASP A 85 24.08 13.46 -11.72
CA ASP A 85 24.06 14.83 -12.23
C ASP A 85 22.84 15.60 -11.72
N CYS A 86 22.10 15.01 -10.81
CA CYS A 86 20.93 15.65 -10.23
C CYS A 86 21.27 16.22 -8.86
N TYR A 87 21.03 17.52 -8.71
CA TYR A 87 21.24 18.23 -7.44
C TYR A 87 19.88 18.70 -6.97
N TYR A 88 19.58 18.51 -5.69
CA TYR A 88 18.33 19.03 -5.12
C TYR A 88 18.36 19.44 -3.66
N CYS A 89 17.91 20.66 -3.41
CA CYS A 89 17.78 21.25 -2.08
C CYS A 89 16.33 21.57 -1.77
N VAL A 90 16.09 22.23 -0.64
CA VAL A 90 14.75 22.65 -0.23
C VAL A 90 14.86 23.80 0.76
N SER A 91 14.15 24.91 0.50
CA SER A 91 14.06 25.99 1.47
C SER A 91 12.85 25.81 2.37
N GLY A 92 12.99 26.22 3.62
CA GLY A 92 11.95 26.03 4.62
C GLY A 92 12.41 25.03 5.66
N LEU A 93 13.66 24.60 5.55
CA LEU A 93 14.25 23.70 6.51
C LEU A 93 15.59 24.24 6.99
N PRO A 94 15.94 23.99 8.27
CA PRO A 94 15.22 23.13 9.24
C PRO A 94 14.07 23.83 9.97
N GLU A 95 14.19 25.15 10.07
CA GLU A 95 13.23 25.98 10.76
C GLU A 95 12.58 26.88 9.71
N ALA A 96 11.25 26.95 9.76
CA ALA A 96 10.43 27.57 8.70
C ALA A 96 10.80 29.01 8.38
N ARG A 97 10.83 29.31 7.08
CA ARG A 97 11.18 30.65 6.60
C ARG A 97 10.17 31.11 5.55
N ALA A 98 9.61 32.30 5.75
CA ALA A 98 8.58 32.84 4.85
C ALA A 98 9.16 33.32 3.53
N ASP A 99 10.48 33.44 3.45
CA ASP A 99 11.15 33.69 2.18
C ASP A 99 11.34 32.39 1.38
N HIS A 100 10.80 31.29 1.90
CA HIS A 100 11.11 29.94 1.40
C HIS A 100 10.92 29.74 -0.10
N ALA A 101 9.98 30.45 -0.69
CA ALA A 101 9.81 30.38 -2.14
C ALA A 101 10.85 31.22 -2.87
N HIS A 102 11.14 32.41 -2.34
CA HIS A 102 12.11 33.34 -2.93
C HIS A 102 13.50 32.73 -2.89
N CYS A 103 13.76 31.96 -1.83
CA CYS A 103 15.07 31.34 -1.60
C CYS A 103 15.41 30.25 -2.63
N CYS A 104 14.51 29.29 -2.80
CA CYS A 104 14.67 28.25 -3.83
C CYS A 104 14.82 28.89 -5.21
N VAL A 105 14.01 29.91 -5.49
CA VAL A 105 14.16 30.68 -6.73
C VAL A 105 15.53 31.32 -6.78
N GLU A 106 15.91 31.99 -5.69
CA GLU A 106 17.21 32.66 -5.60
C GLU A 106 18.34 31.66 -5.76
N MET A 107 18.14 30.47 -5.20
CA MET A 107 19.07 29.35 -5.32
C MET A 107 19.27 28.92 -6.78
N GLY A 108 18.16 28.82 -7.51
CA GLY A 108 18.18 28.47 -8.93
C GLY A 108 18.87 29.52 -9.76
N MET A 109 18.60 30.79 -9.43
CA MET A 109 19.19 31.95 -10.10
C MET A 109 20.70 31.78 -10.27
N ASP A 110 21.36 31.43 -9.16
CA ASP A 110 22.81 31.28 -9.10
C ASP A 110 23.31 30.07 -9.89
N MET A 111 22.61 28.95 -9.76
CA MET A 111 23.02 27.69 -10.40
C MET A 111 23.19 27.83 -11.90
N ILE A 112 22.33 28.63 -12.52
CA ILE A 112 22.38 28.86 -13.96
C ILE A 112 23.57 29.76 -14.34
N GLU A 113 24.07 30.52 -13.37
CA GLU A 113 25.26 31.35 -13.60
C GLU A 113 26.53 30.70 -13.04
N ALA A 114 26.36 29.81 -12.08
CA ALA A 114 27.48 29.04 -11.50
C ALA A 114 27.98 27.97 -12.48
N ILE A 115 27.07 27.44 -13.30
CA ILE A 115 27.42 26.51 -14.37
C ILE A 115 28.10 27.26 -15.53
N SER A 116 27.71 28.52 -15.73
CA SER A 116 28.12 29.32 -16.89
C SER A 116 29.62 29.39 -17.13
N LEU A 117 30.39 29.52 -16.06
CA LEU A 117 31.84 29.66 -16.16
C LEU A 117 32.54 28.31 -16.31
N VAL A 118 31.98 27.28 -15.67
CA VAL A 118 32.51 25.91 -15.77
C VAL A 118 31.92 25.17 -16.98
N ARG A 119 31.20 25.93 -17.82
CA ARG A 119 30.69 25.45 -19.11
C ARG A 119 31.63 25.89 -20.23
N GLU A 120 31.88 27.20 -20.29
CA GLU A 120 32.83 27.85 -21.21
C GLU A 120 34.24 27.29 -21.01
N MET A 121 34.54 26.95 -19.75
CA MET A 121 35.83 26.39 -19.36
C MET A 121 36.09 24.99 -19.93
N THR A 122 35.02 24.30 -20.33
CA THR A 122 35.15 22.95 -20.86
C THR A 122 34.90 22.91 -22.37
N GLY A 123 34.44 24.03 -22.93
CA GLY A 123 34.19 24.17 -24.37
C GLY A 123 32.99 23.37 -24.89
N VAL A 124 32.21 22.82 -23.96
CA VAL A 124 31.05 22.00 -24.29
C VAL A 124 29.75 22.61 -23.72
N ASN A 125 28.66 22.52 -24.48
CA ASN A 125 27.39 23.16 -24.12
C ASN A 125 26.61 22.47 -23.01
N VAL A 126 26.75 22.98 -21.78
CA VAL A 126 25.96 22.49 -20.65
C VAL A 126 25.24 23.62 -19.93
N ASN A 127 24.04 23.34 -19.46
CA ASN A 127 23.29 24.31 -18.68
C ASN A 127 22.49 23.61 -17.58
N MET A 128 21.82 24.38 -16.74
CA MET A 128 21.03 23.80 -15.65
C MET A 128 19.53 23.84 -15.94
N ARG A 129 18.87 22.72 -15.69
CA ARG A 129 17.42 22.60 -15.83
C ARG A 129 16.81 22.64 -14.44
N VAL A 130 16.11 23.72 -14.13
CA VAL A 130 15.59 23.94 -12.79
C VAL A 130 14.08 23.68 -12.68
N GLY A 131 13.67 23.18 -11.52
CA GLY A 131 12.26 22.93 -11.25
C GLY A 131 11.96 23.10 -9.77
N ILE A 132 11.02 23.98 -9.46
CA ILE A 132 10.64 24.22 -8.08
C ILE A 132 9.14 24.14 -7.94
N HIS A 133 8.68 23.30 -7.02
CA HIS A 133 7.29 23.29 -6.59
C HIS A 133 7.29 23.73 -5.12
N SER A 134 6.12 23.83 -4.50
CA SER A 134 6.04 24.19 -3.08
C SER A 134 4.94 23.42 -2.38
N GLY A 135 5.12 23.19 -1.08
CA GLY A 135 4.08 22.55 -0.31
C GLY A 135 4.64 21.88 0.92
N ARG A 136 3.97 20.82 1.35
CA ARG A 136 4.42 20.01 2.49
C ARG A 136 5.39 18.93 2.07
N VAL A 137 6.29 18.57 2.97
CA VAL A 137 7.15 17.42 2.80
C VAL A 137 7.23 16.64 4.09
N HIS A 138 7.74 15.42 4.00
CA HIS A 138 8.32 14.79 5.15
C HIS A 138 9.81 14.83 4.90
N CYS A 139 10.58 14.90 5.98
CA CYS A 139 12.02 14.86 5.86
C CYS A 139 12.58 14.10 7.04
N GLY A 140 13.71 13.45 6.82
CA GLY A 140 14.36 12.67 7.85
C GLY A 140 15.34 11.67 7.26
N VAL A 141 15.40 10.49 7.87
CA VAL A 141 16.30 9.46 7.42
C VAL A 141 15.61 8.11 7.36
N LEU A 142 16.05 7.28 6.40
CA LEU A 142 15.53 5.92 6.24
C LEU A 142 16.58 4.86 6.59
N GLY A 143 16.13 3.78 7.23
CA GLY A 143 16.99 2.62 7.49
C GLY A 143 17.75 2.64 8.78
N LEU A 144 18.90 1.98 8.81
CA LEU A 144 19.76 1.99 9.98
C LEU A 144 21.12 2.47 9.55
N ARG A 145 21.52 2.04 8.36
CA ARG A 145 22.89 2.22 7.93
C ARG A 145 22.99 3.28 6.86
N LYS A 146 24.12 3.99 6.89
CA LYS A 146 24.47 5.08 5.96
C LYS A 146 23.37 6.14 5.77
N TRP A 147 23.04 6.84 6.85
CA TRP A 147 22.02 7.88 6.80
C TRP A 147 22.40 9.03 5.90
N GLN A 148 21.38 9.57 5.24
CA GLN A 148 21.51 10.69 4.30
C GLN A 148 20.15 11.38 4.27
N PHE A 149 20.06 12.46 5.03
CA PHE A 149 18.82 13.22 5.19
C PHE A 149 18.16 13.54 3.85
N ASP A 150 16.87 13.19 3.76
CA ASP A 150 16.14 13.21 2.49
C ASP A 150 14.71 13.73 2.66
N VAL A 151 14.05 14.00 1.54
CA VAL A 151 12.68 14.51 1.53
C VAL A 151 11.73 13.65 0.69
N TRP A 152 10.55 13.34 1.23
CA TRP A 152 9.56 12.56 0.48
C TRP A 152 8.13 13.07 0.60
N SER A 153 7.53 13.35 -0.56
CA SER A 153 6.08 13.55 -0.69
C SER A 153 5.75 13.75 -2.16
N ASN A 154 4.46 13.91 -2.44
CA ASN A 154 3.98 14.19 -3.78
C ASN A 154 4.50 15.54 -4.26
N ASP A 155 4.62 16.49 -3.34
CA ASP A 155 5.23 17.77 -3.64
C ASP A 155 6.68 17.59 -4.06
N VAL A 156 7.36 16.62 -3.46
CA VAL A 156 8.71 16.25 -3.89
C VAL A 156 8.65 15.53 -5.25
N THR A 157 7.68 14.63 -5.40
CA THR A 157 7.52 13.94 -6.67
C THR A 157 7.25 14.96 -7.77
N LEU A 158 6.39 15.94 -7.49
CA LEU A 158 6.11 17.03 -8.41
C LEU A 158 7.34 17.89 -8.72
N ALA A 159 8.02 18.33 -7.67
CA ALA A 159 9.25 19.12 -7.80
C ALA A 159 10.19 18.50 -8.83
N ASN A 160 10.49 17.23 -8.58
CA ASN A 160 11.34 16.41 -9.44
C ASN A 160 10.90 16.45 -10.90
N HIS A 161 9.60 16.29 -11.12
CA HIS A 161 9.00 16.30 -12.45
C HIS A 161 9.05 17.65 -13.15
N MET A 162 8.96 18.73 -12.40
CA MET A 162 9.13 20.09 -12.93
C MET A 162 10.50 20.28 -13.57
N GLU A 163 11.54 19.84 -12.86
CA GLU A 163 12.89 19.81 -13.42
C GLU A 163 12.92 18.91 -14.64
N ALA A 164 12.25 17.76 -14.55
CA ALA A 164 12.20 16.82 -15.66
C ALA A 164 11.50 17.45 -16.87
N GLY A 165 10.46 18.23 -16.61
CA GLY A 165 9.72 18.94 -17.65
C GLY A 165 10.12 20.39 -17.75
N GLY A 166 11.38 20.68 -17.43
CA GLY A 166 11.88 22.05 -17.47
C GLY A 166 12.40 22.49 -18.82
N LYS A 167 12.86 23.74 -18.88
CA LYS A 167 13.46 24.32 -20.07
C LYS A 167 14.92 24.64 -19.75
N ALA A 168 15.80 24.43 -20.71
CA ALA A 168 17.23 24.68 -20.55
C ALA A 168 17.50 26.07 -20.00
N GLY A 169 18.38 26.15 -19.00
CA GLY A 169 18.79 27.43 -18.43
C GLY A 169 17.66 28.32 -17.93
N ARG A 170 16.54 27.71 -17.56
CA ARG A 170 15.37 28.43 -17.04
C ARG A 170 14.79 27.75 -15.81
N ILE A 171 14.10 28.53 -14.99
CA ILE A 171 13.52 28.05 -13.72
C ILE A 171 12.03 27.73 -13.86
N HIS A 172 11.69 26.45 -13.67
CA HIS A 172 10.33 25.97 -13.84
C HIS A 172 9.63 26.00 -12.49
N ILE A 173 8.53 26.74 -12.38
CA ILE A 173 7.81 26.84 -11.11
C ILE A 173 6.33 26.50 -11.21
N THR A 174 5.70 26.17 -10.09
CA THR A 174 4.33 25.68 -10.09
C THR A 174 3.29 26.77 -9.79
N LYS A 175 2.03 26.35 -9.75
CA LYS A 175 0.93 27.16 -9.26
C LYS A 175 1.28 27.71 -7.89
N ALA A 176 1.57 26.81 -6.95
CA ALA A 176 1.81 27.16 -5.55
C ALA A 176 3.09 27.98 -5.30
N THR A 177 4.16 27.68 -6.05
CA THR A 177 5.43 28.40 -5.92
C THR A 177 5.32 29.84 -6.44
N LEU A 178 4.18 30.17 -7.04
CA LEU A 178 3.87 31.55 -7.37
C LEU A 178 3.05 32.16 -6.22
N SER A 179 2.14 31.36 -5.67
CA SER A 179 1.34 31.77 -4.51
C SER A 179 2.19 32.08 -3.25
N TYR A 180 3.46 31.65 -3.27
CA TYR A 180 4.39 31.93 -2.18
C TYR A 180 5.47 32.92 -2.64
N LEU A 181 5.41 33.30 -3.91
CA LEU A 181 6.38 34.24 -4.46
C LEU A 181 5.97 35.68 -4.16
N ASN A 182 4.68 35.88 -3.88
CA ASN A 182 4.08 37.18 -3.61
C ASN A 182 4.29 38.18 -4.75
N GLY A 183 4.43 37.66 -5.97
CA GLY A 183 4.53 38.46 -7.19
C GLY A 183 5.70 39.41 -7.22
N ASP A 184 6.90 38.85 -7.07
CA ASP A 184 8.12 39.66 -7.04
C ASP A 184 8.96 39.42 -8.29
N TYR A 185 8.83 38.23 -8.87
CA TYR A 185 9.49 37.89 -10.14
C TYR A 185 8.47 37.92 -11.28
N GLU A 186 8.96 38.16 -12.49
CA GLU A 186 8.10 38.24 -13.67
C GLU A 186 8.08 36.91 -14.43
N VAL A 187 6.98 36.17 -14.29
CA VAL A 187 6.86 34.85 -14.91
C VAL A 187 6.28 34.90 -16.33
N GLU A 188 6.15 33.74 -16.94
CA GLU A 188 5.53 33.59 -18.25
C GLU A 188 4.93 32.19 -18.37
N PRO A 189 3.93 32.00 -19.27
CA PRO A 189 3.37 30.67 -19.53
C PRO A 189 4.47 29.62 -19.63
N GLY A 190 4.35 28.56 -18.83
CA GLY A 190 5.34 27.52 -18.76
C GLY A 190 5.13 26.42 -19.78
N CYS A 191 3.92 25.85 -19.78
CA CYS A 191 3.55 24.71 -20.64
C CYS A 191 4.27 23.41 -20.25
N GLY A 192 4.12 23.02 -18.99
CA GLY A 192 4.77 21.82 -18.47
C GLY A 192 4.10 20.54 -18.94
N GLY A 193 2.77 20.61 -19.09
CA GLY A 193 1.99 19.47 -19.52
C GLY A 193 2.41 18.93 -20.87
N GLU A 194 3.13 19.74 -21.63
CA GLU A 194 3.59 19.32 -22.95
C GLU A 194 5.05 18.85 -22.99
N ARG A 195 5.74 18.93 -21.85
CA ARG A 195 7.11 18.41 -21.75
C ARG A 195 7.26 17.26 -20.78
N ASN A 196 6.18 16.97 -20.05
CA ASN A 196 6.16 15.92 -19.04
C ASN A 196 4.76 15.42 -18.80
N ALA A 197 4.58 14.11 -18.87
CA ALA A 197 3.28 13.45 -18.67
C ALA A 197 2.64 13.70 -17.30
N TYR A 198 3.46 13.68 -16.25
CA TYR A 198 3.01 13.87 -14.86
C TYR A 198 2.25 15.18 -14.71
N LEU A 199 2.78 16.21 -15.37
CA LEU A 199 2.22 17.56 -15.33
C LEU A 199 0.89 17.62 -16.09
N LYS A 200 0.90 17.11 -17.32
CA LYS A 200 -0.31 16.97 -18.13
C LYS A 200 -1.39 16.18 -17.41
N GLU A 201 -1.08 14.95 -17.02
CA GLU A 201 -2.04 14.07 -16.36
C GLU A 201 -2.58 14.65 -15.05
N HIS A 202 -1.85 15.58 -14.46
CA HIS A 202 -2.28 16.20 -13.21
C HIS A 202 -2.68 17.68 -13.36
N SER A 203 -2.77 18.16 -14.60
CA SER A 203 -3.28 19.50 -14.91
C SER A 203 -2.61 20.65 -14.15
N ILE A 204 -1.28 20.62 -14.13
CA ILE A 204 -0.50 21.64 -13.41
C ILE A 204 -0.23 22.84 -14.33
N GLU A 205 -0.67 24.01 -13.88
CA GLU A 205 -0.33 25.27 -14.56
C GLU A 205 1.12 25.62 -14.19
N THR A 206 2.00 25.62 -15.19
CA THR A 206 3.41 25.85 -14.93
C THR A 206 3.85 27.17 -15.53
N PHE A 207 4.93 27.71 -14.99
CA PHE A 207 5.43 29.02 -15.42
C PHE A 207 6.93 29.00 -15.52
N LEU A 208 7.47 29.96 -16.26
CA LEU A 208 8.90 30.17 -16.36
C LEU A 208 9.23 31.59 -15.94
N ILE A 209 10.41 31.79 -15.35
CA ILE A 209 10.81 33.07 -14.78
C ILE A 209 11.66 33.91 -15.73
N LEU A 210 11.36 35.22 -15.78
CA LEU A 210 12.05 36.17 -16.63
C LEU A 210 12.76 37.23 -15.80
N HIS B 10 39.60 11.11 -2.71
CA HIS B 10 38.93 10.36 -3.81
C HIS B 10 39.93 9.60 -4.71
N GLN B 11 39.75 8.28 -4.80
CA GLN B 11 40.67 7.38 -5.49
C GLN B 11 39.94 6.47 -6.47
N SER B 12 40.58 6.16 -7.60
CA SER B 12 39.97 5.30 -8.63
C SER B 12 40.05 3.81 -8.30
N TYR B 13 39.40 2.99 -9.13
CA TYR B 13 39.35 1.54 -8.95
C TYR B 13 39.37 0.82 -10.29
N ASP B 14 39.62 -0.48 -10.24
CA ASP B 14 39.69 -1.30 -11.45
C ASP B 14 38.49 -2.23 -11.60
N CYS B 15 38.05 -2.85 -10.50
CA CYS B 15 36.98 -3.84 -10.59
C CYS B 15 36.00 -3.82 -9.42
N VAL B 16 35.08 -2.88 -9.46
CA VAL B 16 34.08 -2.66 -8.43
C VAL B 16 32.71 -3.11 -8.96
N CYS B 17 31.94 -3.84 -8.15
CA CYS B 17 30.68 -4.40 -8.64
C CYS B 17 29.43 -3.70 -8.09
N VAL B 18 28.84 -2.80 -8.87
CA VAL B 18 27.73 -1.93 -8.43
C VAL B 18 26.37 -2.62 -8.62
N MET B 19 25.47 -2.44 -7.64
CA MET B 19 24.12 -3.01 -7.73
C MET B 19 23.03 -2.04 -7.35
N PHE B 20 21.97 -1.98 -8.17
CA PHE B 20 20.74 -1.25 -7.83
C PHE B 20 19.54 -2.21 -7.68
N ALA B 21 18.77 -2.03 -6.61
CA ALA B 21 17.58 -2.84 -6.38
C ALA B 21 16.36 -1.99 -5.97
N SER B 22 15.58 -1.58 -6.96
CA SER B 22 14.37 -0.82 -6.67
C SER B 22 13.16 -1.72 -6.46
N ILE B 23 12.12 -1.09 -5.94
CA ILE B 23 10.85 -1.72 -5.64
C ILE B 23 9.80 -0.85 -6.31
N PRO B 24 9.59 -1.05 -7.63
CA PRO B 24 8.75 -0.14 -8.46
C PRO B 24 7.30 -0.14 -8.01
N ASP B 25 6.83 -1.28 -7.52
CA ASP B 25 5.51 -1.43 -6.91
C ASP B 25 5.22 -0.46 -5.76
N PHE B 26 6.26 0.20 -5.23
CA PHE B 26 6.09 1.07 -4.07
C PHE B 26 5.43 2.41 -4.39
N LYS B 27 5.97 3.13 -5.38
CA LYS B 27 5.47 4.44 -5.82
C LYS B 27 3.94 4.50 -6.00
N GLU B 28 3.36 3.40 -6.51
CA GLU B 28 1.92 3.24 -6.59
C GLU B 28 1.34 3.30 -5.19
N PHE B 29 1.82 2.37 -4.34
CA PHE B 29 1.33 2.16 -2.96
C PHE B 29 1.40 3.40 -2.07
N TYR B 30 2.35 4.29 -2.34
CA TYR B 30 2.45 5.53 -1.59
C TYR B 30 1.25 6.45 -1.86
N THR B 31 0.52 6.74 -0.79
CA THR B 31 -0.67 7.61 -0.81
C THR B 31 -0.59 8.63 0.33
N GLU B 32 -1.28 9.75 0.19
CA GLU B 32 -1.26 10.82 1.18
C GLU B 32 -2.66 11.21 1.62
N SER B 33 -3.21 10.45 2.55
CA SER B 33 -4.51 10.74 3.13
C SER B 33 -4.39 11.20 4.58
N ASP B 34 -5.44 11.84 5.08
CA ASP B 34 -5.51 12.22 6.48
C ASP B 34 -5.42 11.00 7.38
N VAL B 35 -6.01 9.89 6.92
CA VAL B 35 -5.96 8.60 7.62
C VAL B 35 -4.52 8.14 7.85
N ASN B 36 -3.70 8.17 6.80
CA ASN B 36 -2.32 7.71 6.92
C ASN B 36 -1.30 8.83 7.21
N LYS B 37 -1.69 9.74 8.09
CA LYS B 37 -0.85 10.88 8.53
C LYS B 37 -0.15 11.58 7.35
N GLU B 38 -0.87 11.67 6.24
CA GLU B 38 -0.39 12.30 5.01
C GLU B 38 0.84 11.58 4.47
N GLY B 39 0.74 10.25 4.42
CA GLY B 39 1.79 9.41 3.85
C GLY B 39 2.86 8.89 4.79
N LEU B 40 2.81 9.32 6.05
CA LEU B 40 3.78 8.89 7.03
C LEU B 40 3.68 7.39 7.30
N GLU B 41 2.47 6.84 7.25
CA GLU B 41 2.32 5.40 7.48
C GLU B 41 2.97 4.56 6.37
N CYS B 42 3.18 5.18 5.22
CA CYS B 42 3.81 4.50 4.10
C CYS B 42 5.32 4.49 4.27
N LEU B 43 5.89 5.68 4.45
CA LEU B 43 7.33 5.83 4.72
C LEU B 43 7.74 5.03 5.92
N ARG B 44 6.80 4.75 6.81
CA ARG B 44 7.04 3.84 7.92
C ARG B 44 7.35 2.43 7.41
N LEU B 45 6.54 1.93 6.49
CA LEU B 45 6.76 0.58 5.95
C LEU B 45 8.02 0.55 5.12
N LEU B 46 8.32 1.64 4.41
CA LEU B 46 9.55 1.70 3.65
C LEU B 46 10.70 1.52 4.63
N ASN B 47 10.72 2.34 5.67
CA ASN B 47 11.77 2.25 6.66
C ASN B 47 12.01 0.80 7.09
N GLU B 48 10.95 0.10 7.51
CA GLU B 48 11.06 -1.30 7.90
C GLU B 48 11.87 -2.10 6.88
N ILE B 49 11.39 -2.11 5.63
CA ILE B 49 12.07 -2.72 4.49
C ILE B 49 13.56 -2.38 4.45
N ILE B 50 13.89 -1.10 4.31
CA ILE B 50 15.29 -0.67 4.22
C ILE B 50 16.08 -1.25 5.37
N ALA B 51 15.67 -0.91 6.59
CA ALA B 51 16.26 -1.47 7.80
C ALA B 51 16.46 -2.99 7.70
N ASP B 52 15.40 -3.74 7.34
CA ASP B 52 15.51 -5.19 7.09
C ASP B 52 16.60 -5.58 6.09
N PHE B 53 16.77 -4.77 5.04
CA PHE B 53 17.88 -4.89 4.09
C PHE B 53 19.20 -4.55 4.75
N ASP B 54 19.22 -3.51 5.58
CA ASP B 54 20.45 -3.11 6.23
C ASP B 54 20.95 -4.14 7.23
N ASP B 55 20.01 -4.79 7.90
CA ASP B 55 20.30 -5.91 8.81
C ASP B 55 21.10 -7.05 8.16
N LEU B 56 21.16 -7.06 6.83
CA LEU B 56 21.91 -8.08 6.12
C LEU B 56 23.42 -7.83 6.12
N LEU B 57 23.81 -6.57 6.04
CA LEU B 57 25.22 -6.21 5.89
C LEU B 57 26.07 -6.73 7.03
N SER B 58 25.43 -6.95 8.17
CA SER B 58 26.08 -7.53 9.34
C SER B 58 26.45 -8.98 9.10
N LYS B 59 25.59 -9.72 8.40
CA LYS B 59 25.90 -11.12 8.07
C LYS B 59 27.36 -11.27 7.62
N PRO B 60 28.08 -12.25 8.21
CA PRO B 60 29.49 -12.51 7.91
C PRO B 60 29.75 -12.68 6.42
N LYS B 61 28.85 -13.35 5.72
CA LYS B 61 29.01 -13.59 4.30
C LYS B 61 28.87 -12.33 3.42
N PHE B 62 28.24 -11.28 3.95
CA PHE B 62 28.12 -10.03 3.18
C PHE B 62 29.00 -8.90 3.72
N SER B 63 30.10 -9.26 4.36
CA SER B 63 30.98 -8.28 4.99
C SER B 63 31.80 -7.47 3.98
N GLY B 64 31.79 -7.93 2.73
CA GLY B 64 32.42 -7.19 1.62
C GLY B 64 31.46 -6.23 0.95
N VAL B 65 30.17 -6.39 1.27
CA VAL B 65 29.11 -5.54 0.73
C VAL B 65 29.16 -4.22 1.46
N GLU B 66 29.09 -3.12 0.71
CA GLU B 66 29.21 -1.78 1.28
C GLU B 66 28.16 -0.84 0.70
N LYS B 67 27.00 -0.79 1.33
CA LYS B 67 25.89 0.10 0.95
C LYS B 67 26.33 1.53 0.64
N ILE B 68 25.86 2.11 -0.46
CA ILE B 68 26.24 3.48 -0.81
C ILE B 68 25.19 4.51 -0.37
N LYS B 69 23.99 4.41 -0.92
CA LYS B 69 22.85 5.24 -0.54
C LYS B 69 21.56 4.48 -0.83
N THR B 70 20.41 5.10 -0.50
CA THR B 70 19.15 4.68 -1.10
C THR B 70 18.57 5.85 -1.88
N ILE B 71 18.02 5.57 -3.05
CA ILE B 71 17.42 6.61 -3.85
C ILE B 71 15.94 6.29 -3.94
N GLY B 72 15.15 7.03 -3.19
CA GLY B 72 13.74 6.73 -3.10
C GLY B 72 13.58 5.39 -2.43
N SER B 73 12.96 4.46 -3.15
CA SER B 73 12.79 3.07 -2.72
C SER B 73 13.66 2.19 -3.58
N THR B 74 14.96 2.44 -3.56
CA THR B 74 15.92 1.76 -4.40
C THR B 74 17.21 1.70 -3.62
N TYR B 75 17.79 0.50 -3.55
CA TYR B 75 18.91 0.22 -2.68
C TYR B 75 20.16 0.14 -3.53
N MET B 76 21.17 0.95 -3.19
CA MET B 76 22.42 0.99 -3.93
C MET B 76 23.57 0.48 -3.07
N ALA B 77 24.33 -0.48 -3.60
CA ALA B 77 25.33 -1.22 -2.83
C ALA B 77 26.43 -1.72 -3.75
N ALA B 78 27.65 -1.87 -3.23
CA ALA B 78 28.77 -2.22 -4.09
C ALA B 78 29.86 -3.03 -3.41
N THR B 79 30.42 -4.02 -4.13
CA THR B 79 31.51 -4.84 -3.59
C THR B 79 32.86 -4.51 -4.22
N GLY B 80 33.93 -4.72 -3.45
CA GLY B 80 35.29 -4.54 -3.97
C GLY B 80 35.83 -3.13 -3.84
N LEU B 81 35.18 -2.31 -3.00
CA LEU B 81 35.73 -1.01 -2.60
C LEU B 81 36.76 -1.22 -1.49
N SER B 82 36.71 -2.39 -0.86
CA SER B 82 37.63 -2.78 0.21
C SER B 82 38.94 -3.34 -0.34
N ALA B 83 39.15 -3.21 -1.64
CA ALA B 83 40.33 -3.74 -2.31
C ALA B 83 41.45 -2.71 -2.40
N ILE B 84 42.41 -2.96 -3.29
CA ILE B 84 43.59 -2.11 -3.44
C ILE B 84 43.43 -1.19 -4.66
N ARG B 95 37.96 -16.44 -6.86
CA ARG B 95 39.36 -16.03 -6.75
C ARG B 95 39.55 -14.53 -6.96
N GLN B 96 39.48 -14.11 -8.22
CA GLN B 96 39.73 -12.72 -8.58
C GLN B 96 38.45 -11.88 -8.60
N TYR B 97 37.34 -12.50 -9.01
CA TYR B 97 36.04 -11.85 -9.09
C TYR B 97 35.00 -12.59 -8.26
N MET B 98 35.42 -13.12 -7.11
CA MET B 98 34.50 -13.79 -6.19
C MET B 98 33.52 -12.76 -5.60
N HIS B 99 33.90 -11.49 -5.69
CA HIS B 99 33.10 -10.41 -5.14
C HIS B 99 31.80 -10.13 -5.92
N ILE B 100 31.87 -10.25 -7.24
CA ILE B 100 30.69 -10.11 -8.09
C ILE B 100 29.63 -11.13 -7.72
N GLY B 101 30.06 -12.38 -7.54
CA GLY B 101 29.18 -13.49 -7.12
C GLY B 101 28.51 -13.26 -5.77
N THR B 102 29.23 -12.63 -4.85
CA THR B 102 28.65 -12.16 -3.60
C THR B 102 27.52 -11.18 -3.86
N MET B 103 27.78 -10.18 -4.70
CA MET B 103 26.77 -9.15 -5.01
C MET B 103 25.45 -9.77 -5.42
N VAL B 104 25.48 -10.68 -6.39
CA VAL B 104 24.32 -11.50 -6.74
C VAL B 104 23.78 -12.22 -5.49
N GLU B 105 24.66 -12.94 -4.79
CA GLU B 105 24.29 -13.63 -3.55
C GLU B 105 23.50 -12.72 -2.58
N PHE B 106 23.77 -11.43 -2.69
CA PHE B 106 23.21 -10.41 -1.81
C PHE B 106 21.87 -9.96 -2.32
N ALA B 107 21.78 -9.76 -3.63
CA ALA B 107 20.53 -9.40 -4.31
C ALA B 107 19.45 -10.44 -4.08
N TYR B 108 19.83 -11.72 -4.09
CA TYR B 108 18.92 -12.82 -3.71
C TYR B 108 18.42 -12.68 -2.29
N ALA B 109 19.31 -12.26 -1.38
CA ALA B 109 18.94 -11.99 0.02
C ALA B 109 17.93 -10.85 0.22
N LEU B 110 18.02 -9.79 -0.60
CA LEU B 110 17.08 -8.67 -0.50
C LEU B 110 15.69 -9.17 -0.82
N VAL B 111 15.62 -10.08 -1.80
CA VAL B 111 14.36 -10.72 -2.21
C VAL B 111 13.83 -11.59 -1.08
N GLY B 112 14.75 -12.18 -0.31
CA GLY B 112 14.36 -12.98 0.84
C GLY B 112 13.70 -12.11 1.89
N LYS B 113 14.28 -10.93 2.11
CA LYS B 113 13.76 -9.97 3.07
C LYS B 113 12.50 -9.32 2.56
N LEU B 114 12.51 -8.85 1.32
CA LEU B 114 11.30 -8.24 0.74
C LEU B 114 10.12 -9.19 0.72
N ASP B 115 10.40 -10.48 0.54
CA ASP B 115 9.38 -11.51 0.56
C ASP B 115 8.75 -11.67 1.93
N ALA B 116 9.53 -11.49 2.98
CA ALA B 116 9.01 -11.62 4.35
C ALA B 116 8.19 -10.40 4.80
N ILE B 117 8.56 -9.21 4.31
CA ILE B 117 7.75 -8.01 4.53
C ILE B 117 6.34 -8.25 3.96
N ASN B 118 6.28 -8.68 2.70
CA ASN B 118 5.03 -9.03 2.06
C ASN B 118 4.15 -9.83 3.02
N LYS B 119 4.66 -10.98 3.49
CA LYS B 119 3.93 -11.86 4.42
C LYS B 119 3.15 -11.08 5.50
N HIS B 120 3.84 -10.14 6.14
CA HIS B 120 3.28 -9.37 7.26
C HIS B 120 2.61 -8.06 6.85
N SER B 121 2.84 -7.61 5.63
CA SER B 121 2.30 -6.33 5.21
C SER B 121 1.17 -6.52 4.23
N PHE B 122 0.71 -7.78 4.13
CA PHE B 122 -0.32 -8.19 3.18
C PHE B 122 -0.14 -7.56 1.78
N ASN B 123 1.11 -7.52 1.32
CA ASN B 123 1.43 -6.88 0.08
C ASN B 123 2.16 -7.84 -0.86
N ASP B 124 2.57 -7.36 -2.03
CA ASP B 124 3.24 -8.19 -3.04
C ASP B 124 4.34 -7.40 -3.77
N PHE B 125 5.33 -6.93 -3.01
CA PHE B 125 6.40 -6.13 -3.57
C PHE B 125 7.42 -7.02 -4.24
N LYS B 126 7.61 -6.82 -5.54
CA LYS B 126 8.72 -7.47 -6.23
C LYS B 126 9.93 -6.53 -6.27
N LEU B 127 11.12 -7.12 -6.23
CA LEU B 127 12.38 -6.40 -6.36
C LEU B 127 12.90 -6.51 -7.80
N ARG B 128 13.44 -5.42 -8.31
CA ARG B 128 13.95 -5.39 -9.67
C ARG B 128 15.42 -4.96 -9.60
N VAL B 129 16.33 -5.88 -9.97
CA VAL B 129 17.76 -5.67 -9.79
C VAL B 129 18.56 -5.46 -11.09
N GLY B 130 19.69 -4.78 -10.97
CA GLY B 130 20.61 -4.63 -12.08
C GLY B 130 21.99 -4.64 -11.46
N ILE B 131 22.86 -5.50 -11.99
CA ILE B 131 24.22 -5.66 -11.47
C ILE B 131 25.23 -5.52 -12.60
N ASN B 132 26.07 -4.49 -12.51
CA ASN B 132 27.16 -4.36 -13.45
C ASN B 132 28.48 -4.58 -12.70
N HIS B 133 29.61 -4.33 -13.37
CA HIS B 133 30.92 -4.25 -12.73
C HIS B 133 31.96 -3.60 -13.64
N GLY B 134 32.99 -3.06 -13.01
CA GLY B 134 34.08 -2.43 -13.75
C GLY B 134 34.62 -1.23 -12.99
N PRO B 135 35.42 -0.41 -13.67
CA PRO B 135 36.13 0.69 -13.04
C PRO B 135 35.18 1.76 -12.50
N VAL B 136 35.49 2.28 -11.32
CA VAL B 136 34.78 3.43 -10.74
C VAL B 136 35.77 4.46 -10.17
N ILE B 137 35.24 5.56 -9.64
CA ILE B 137 36.01 6.50 -8.83
C ILE B 137 35.19 6.79 -7.58
N ALA B 138 35.69 6.34 -6.43
CA ALA B 138 35.00 6.50 -5.15
C ALA B 138 35.50 7.72 -4.41
N GLY B 139 34.75 8.18 -3.43
CA GLY B 139 35.16 9.34 -2.64
C GLY B 139 34.03 10.22 -2.14
N VAL B 140 34.42 11.39 -1.66
CA VAL B 140 33.49 12.32 -1.02
C VAL B 140 33.17 13.50 -1.94
N ILE B 141 31.92 13.91 -1.94
CA ILE B 141 31.49 15.05 -2.73
C ILE B 141 30.66 16.02 -1.89
N GLY B 142 30.71 17.30 -2.25
CA GLY B 142 29.99 18.34 -1.54
C GLY B 142 30.79 18.90 -0.38
N ALA B 143 30.88 20.23 -0.35
CA ALA B 143 31.60 20.94 0.70
C ALA B 143 30.93 20.82 2.07
N GLN B 144 29.60 20.92 2.07
CA GLN B 144 28.81 20.95 3.31
C GLN B 144 28.92 19.65 4.12
N LYS B 145 27.86 18.86 4.13
CA LYS B 145 27.91 17.52 4.70
C LYS B 145 28.59 16.61 3.67
N PRO B 146 29.84 16.21 3.95
CA PRO B 146 30.59 15.43 2.98
C PRO B 146 30.15 13.97 3.01
N GLN B 147 29.48 13.55 1.95
CA GLN B 147 28.98 12.20 1.84
C GLN B 147 29.72 11.41 0.76
N TYR B 148 29.84 10.11 1.00
CA TYR B 148 30.60 9.20 0.17
C TYR B 148 29.76 8.57 -0.96
N ASP B 149 30.26 8.64 -2.18
CA ASP B 149 29.56 8.13 -3.37
C ASP B 149 30.56 7.57 -4.40
N ILE B 150 30.06 6.95 -5.47
CA ILE B 150 30.93 6.40 -6.55
C ILE B 150 30.47 6.83 -7.94
N TRP B 151 31.42 7.12 -8.81
CA TRP B 151 31.11 7.66 -10.15
C TRP B 151 31.70 6.82 -11.25
N GLY B 152 31.37 7.17 -12.49
CA GLY B 152 31.90 6.48 -13.66
C GLY B 152 30.84 5.71 -14.43
N ASN B 153 31.21 5.26 -15.63
CA ASN B 153 30.24 4.62 -16.50
C ASN B 153 29.74 3.28 -15.99
N THR B 154 30.57 2.59 -15.20
CA THR B 154 30.16 1.34 -14.59
C THR B 154 28.86 1.51 -13.82
N VAL B 155 28.78 2.60 -13.05
CA VAL B 155 27.61 2.91 -12.23
C VAL B 155 26.39 3.27 -13.09
N ASN B 156 26.59 4.02 -14.16
CA ASN B 156 25.48 4.46 -15.00
C ASN B 156 24.74 3.26 -15.54
N VAL B 157 25.50 2.34 -16.15
CA VAL B 157 24.96 1.09 -16.67
C VAL B 157 24.30 0.28 -15.58
N ALA B 158 24.99 0.09 -14.46
CA ALA B 158 24.42 -0.60 -13.31
C ALA B 158 23.01 -0.11 -13.07
N SER B 159 22.86 1.21 -13.12
CA SER B 159 21.59 1.87 -12.87
C SER B 159 20.60 1.55 -13.98
N ARG B 160 21.07 1.65 -15.22
CA ARG B 160 20.22 1.39 -16.37
C ARG B 160 19.82 -0.09 -16.51
N MET B 161 20.59 -0.98 -15.89
CA MET B 161 20.23 -2.41 -15.76
C MET B 161 19.02 -2.59 -14.85
N ASP B 162 18.90 -1.72 -13.85
CA ASP B 162 17.76 -1.72 -12.97
C ASP B 162 16.54 -1.13 -13.65
N SER B 163 16.63 0.11 -14.13
CA SER B 163 15.44 0.81 -14.63
C SER B 163 14.77 0.08 -15.80
N THR B 164 15.58 -0.38 -16.76
CA THR B 164 15.04 -1.19 -17.84
C THR B 164 14.90 -2.66 -17.43
N GLY B 165 14.99 -2.93 -16.13
CA GLY B 165 14.93 -4.30 -15.61
C GLY B 165 13.58 -4.96 -15.73
N VAL B 166 13.48 -6.17 -15.18
CA VAL B 166 12.21 -6.89 -15.07
C VAL B 166 12.06 -7.34 -13.63
N LEU B 167 10.84 -7.24 -13.10
CA LEU B 167 10.53 -7.65 -11.73
C LEU B 167 10.96 -9.09 -11.45
N ASP B 168 11.45 -9.31 -10.23
CA ASP B 168 11.85 -10.63 -9.75
C ASP B 168 13.06 -11.21 -10.50
N LYS B 169 13.70 -10.37 -11.33
CA LYS B 169 14.85 -10.79 -12.13
C LYS B 169 16.06 -9.86 -11.94
N ILE B 170 17.26 -10.43 -12.02
CA ILE B 170 18.51 -9.65 -12.02
C ILE B 170 19.01 -9.52 -13.46
N GLN B 171 19.23 -8.29 -13.89
CA GLN B 171 19.75 -8.04 -15.22
C GLN B 171 21.22 -7.67 -15.16
N VAL B 172 22.04 -8.42 -15.89
CA VAL B 172 23.49 -8.21 -15.94
C VAL B 172 23.92 -7.86 -17.38
N THR B 173 25.12 -7.29 -17.54
CA THR B 173 25.65 -7.05 -18.89
C THR B 173 26.36 -8.30 -19.38
N GLU B 174 26.96 -8.22 -20.55
CA GLU B 174 27.57 -9.40 -21.18
C GLU B 174 28.74 -9.97 -20.37
N GLU B 175 29.78 -9.18 -20.15
CA GLU B 175 30.98 -9.64 -19.43
C GLU B 175 30.57 -10.09 -18.04
N THR B 176 29.80 -9.24 -17.38
CA THR B 176 29.21 -9.56 -16.08
C THR B 176 28.51 -10.93 -16.13
N SER B 177 27.87 -11.21 -17.27
CA SER B 177 27.24 -12.50 -17.49
C SER B 177 28.30 -13.58 -17.59
N LEU B 178 29.26 -13.38 -18.48
CA LEU B 178 30.32 -14.34 -18.71
C LEU B 178 30.94 -14.82 -17.41
N ILE B 179 31.16 -13.90 -16.48
CA ILE B 179 31.77 -14.20 -15.18
C ILE B 179 30.85 -15.04 -14.31
N LEU B 180 29.56 -14.68 -14.27
CA LEU B 180 28.59 -15.42 -13.48
C LEU B 180 28.48 -16.83 -14.01
N GLN B 181 28.72 -16.96 -15.31
CA GLN B 181 28.81 -18.26 -15.93
C GLN B 181 30.00 -19.07 -15.38
N THR B 182 31.15 -18.42 -15.21
CA THR B 182 32.34 -19.08 -14.65
C THR B 182 32.13 -19.50 -13.19
N LEU B 183 31.00 -19.12 -12.60
CA LEU B 183 30.74 -19.42 -11.19
C LEU B 183 29.50 -20.26 -10.92
N GLY B 184 28.91 -20.84 -11.96
CA GLY B 184 27.76 -21.76 -11.80
C GLY B 184 26.40 -21.13 -12.02
N TYR B 185 26.37 -19.91 -12.55
CA TYR B 185 25.11 -19.23 -12.87
C TYR B 185 24.75 -19.41 -14.35
N THR B 186 23.48 -19.71 -14.60
CA THR B 186 22.96 -19.84 -15.96
C THR B 186 22.27 -18.54 -16.34
N CYS B 187 22.51 -18.05 -17.56
CA CYS B 187 21.98 -16.75 -17.99
C CYS B 187 21.24 -16.79 -19.33
N THR B 188 20.01 -16.31 -19.32
CA THR B 188 19.23 -16.10 -20.54
C THR B 188 19.48 -14.70 -21.09
N CYS B 189 19.56 -14.57 -22.42
CA CYS B 189 19.69 -13.24 -23.02
C CYS B 189 18.37 -12.49 -23.04
N ARG B 190 18.39 -11.26 -22.53
CA ARG B 190 17.22 -10.40 -22.52
C ARG B 190 16.99 -9.79 -23.90
N GLY B 191 18.07 -9.42 -24.58
CA GLY B 191 17.99 -8.68 -25.84
C GLY B 191 18.97 -7.51 -25.83
N ILE B 192 18.52 -6.38 -26.38
CA ILE B 192 19.36 -5.21 -26.60
C ILE B 192 18.74 -3.97 -25.97
N ILE B 193 19.58 -3.02 -25.57
CA ILE B 193 19.13 -1.82 -24.85
C ILE B 193 19.92 -0.58 -25.28
N ASN B 194 19.22 0.49 -25.65
CA ASN B 194 19.88 1.78 -25.81
C ASN B 194 20.20 2.39 -24.46
N VAL B 195 21.48 2.34 -24.09
CA VAL B 195 21.96 3.01 -22.87
C VAL B 195 22.49 4.38 -23.29
N LYS B 196 21.66 5.40 -23.09
CA LYS B 196 21.95 6.80 -23.44
C LYS B 196 23.40 7.17 -23.14
N GLY B 197 24.21 7.22 -24.19
CA GLY B 197 25.64 7.48 -24.05
C GLY B 197 26.51 6.40 -24.66
N LYS B 198 26.21 5.14 -24.33
CA LYS B 198 26.94 3.97 -24.87
C LYS B 198 26.20 3.29 -26.04
N GLY B 199 24.92 3.58 -26.20
CA GLY B 199 24.13 3.04 -27.32
C GLY B 199 23.54 1.67 -27.04
N ASP B 200 23.35 0.87 -28.08
CA ASP B 200 22.76 -0.46 -27.93
C ASP B 200 23.76 -1.48 -27.38
N LEU B 201 23.36 -2.18 -26.33
CA LEU B 201 24.18 -3.26 -25.76
C LEU B 201 23.35 -4.46 -25.27
N LYS B 202 23.94 -5.64 -25.37
CA LYS B 202 23.26 -6.87 -25.06
C LYS B 202 23.29 -7.13 -23.56
N THR B 203 22.19 -7.68 -23.03
CA THR B 203 22.04 -7.89 -21.59
C THR B 203 21.44 -9.26 -21.22
N TYR B 204 21.71 -9.71 -20.02
CA TYR B 204 21.23 -11.03 -19.65
C TYR B 204 20.49 -11.04 -18.34
N PHE B 205 19.49 -11.90 -18.26
CA PHE B 205 18.86 -12.21 -16.98
C PHE B 205 19.58 -13.39 -16.36
N VAL B 206 19.69 -13.37 -15.05
CA VAL B 206 20.30 -14.47 -14.34
C VAL B 206 19.21 -15.46 -14.02
N ASN B 207 19.44 -16.72 -14.38
CA ASN B 207 18.42 -17.76 -14.18
C ASN B 207 18.53 -18.37 -12.79
N THR B 208 17.44 -19.01 -12.36
CA THR B 208 17.40 -19.71 -11.08
C THR B 208 17.04 -21.18 -11.29
N VAL C 36 -3.27 14.23 26.72
CA VAL C 36 -4.15 14.57 25.57
C VAL C 36 -4.39 13.33 24.69
N TYR C 37 -3.32 12.84 24.06
CA TYR C 37 -3.37 11.77 23.05
C TYR C 37 -3.70 10.37 23.62
N ARG C 38 -3.53 10.21 24.93
CA ARG C 38 -3.75 8.91 25.60
C ARG C 38 -5.22 8.65 25.99
N ALA C 39 -6.00 9.72 26.19
CA ALA C 39 -7.43 9.63 26.56
C ALA C 39 -8.34 9.14 25.41
N THR C 40 -7.75 9.02 24.22
CA THR C 40 -8.41 8.44 23.05
C THR C 40 -8.03 6.96 22.92
N HIS C 41 -8.71 6.25 22.03
CA HIS C 41 -8.42 4.84 21.76
C HIS C 41 -8.61 4.58 20.28
N ARG C 42 -7.57 4.14 19.59
CA ARG C 42 -7.68 3.81 18.16
C ARG C 42 -7.92 2.32 17.95
N LEU C 43 -9.12 1.99 17.49
CA LEU C 43 -9.53 0.61 17.24
C LEU C 43 -9.52 0.29 15.75
N LEU C 44 -9.09 -0.91 15.42
CA LEU C 44 -8.97 -1.32 14.03
C LEU C 44 -9.87 -2.53 13.80
N LEU C 45 -10.68 -2.44 12.75
CA LEU C 45 -11.58 -3.52 12.41
C LEU C 45 -11.01 -4.34 11.25
N LEU C 46 -10.71 -5.61 11.54
CA LEU C 46 -10.12 -6.52 10.56
C LEU C 46 -11.01 -7.74 10.43
N GLY C 47 -10.77 -8.53 9.38
CA GLY C 47 -11.58 -9.70 9.03
C GLY C 47 -11.67 -9.83 7.51
N ALA C 48 -12.14 -10.97 7.02
CA ALA C 48 -12.28 -11.17 5.58
C ALA C 48 -13.41 -10.28 4.99
N GLY C 49 -13.54 -10.28 3.67
CA GLY C 49 -14.63 -9.54 3.03
C GLY C 49 -15.97 -10.08 3.48
N GLU C 50 -16.89 -9.15 3.75
CA GLU C 50 -18.27 -9.48 4.16
C GLU C 50 -18.39 -10.01 5.59
N SER C 51 -17.29 -10.00 6.33
CA SER C 51 -17.25 -10.61 7.65
C SER C 51 -18.31 -10.00 8.53
N GLY C 52 -18.36 -8.66 8.56
CA GLY C 52 -19.34 -7.92 9.32
C GLY C 52 -18.84 -6.56 9.82
N LYS C 53 -17.70 -6.12 9.27
CA LYS C 53 -17.00 -4.94 9.76
C LYS C 53 -17.76 -3.63 9.57
N SER C 54 -18.33 -3.44 8.39
CA SER C 54 -19.06 -2.20 8.11
C SER C 54 -20.29 -2.09 9.02
N THR C 55 -21.02 -3.21 9.16
CA THR C 55 -22.18 -3.31 10.05
C THR C 55 -21.85 -2.92 11.50
N ILE C 56 -20.63 -3.17 11.94
CA ILE C 56 -20.23 -2.83 13.30
C ILE C 56 -20.11 -1.32 13.45
N VAL C 57 -19.45 -0.66 12.49
CA VAL C 57 -19.36 0.81 12.51
C VAL C 57 -20.76 1.42 12.44
N LYS C 58 -21.62 0.83 11.60
CA LYS C 58 -23.01 1.26 11.54
C LYS C 58 -23.62 1.24 12.93
N GLN C 59 -23.60 0.08 13.59
CA GLN C 59 -24.05 -0.06 14.98
C GLN C 59 -23.45 0.98 15.94
N MET C 60 -22.25 1.47 15.65
CA MET C 60 -21.67 2.54 16.47
C MET C 60 -22.43 3.83 16.23
N ARG C 61 -22.77 4.13 14.99
CA ARG C 61 -23.60 5.31 14.71
C ARG C 61 -24.98 5.18 15.38
N ILE C 62 -25.65 4.07 15.13
CA ILE C 62 -26.90 3.74 15.78
C ILE C 62 -26.79 3.89 17.31
N LEU C 63 -25.63 3.53 17.87
CA LEU C 63 -25.44 3.51 19.33
C LEU C 63 -24.86 4.77 19.95
N HIS C 64 -23.91 5.43 19.28
CA HIS C 64 -23.13 6.51 19.92
C HIS C 64 -22.82 7.75 19.06
N VAL C 65 -23.53 7.95 17.96
CA VAL C 65 -23.33 9.15 17.13
C VAL C 65 -24.63 9.92 16.86
N ASN C 66 -24.48 11.16 16.40
CA ASN C 66 -25.60 12.02 16.04
C ASN C 66 -26.40 11.49 14.84
N GLY C 86 -32.89 13.31 2.31
CA GLY C 86 -32.00 14.25 2.99
C GLY C 86 -30.74 13.56 3.47
N GLU C 87 -30.90 12.63 4.42
CA GLU C 87 -29.79 11.84 4.97
C GLU C 87 -29.80 10.41 4.42
N LYS C 88 -30.94 9.74 4.54
CA LYS C 88 -31.07 8.33 4.23
C LYS C 88 -31.67 8.04 2.85
N ALA C 89 -32.31 9.05 2.24
CA ALA C 89 -32.93 8.90 0.91
C ALA C 89 -31.94 8.37 -0.14
N THR C 90 -30.66 8.66 0.06
CA THR C 90 -29.59 8.17 -0.80
C THR C 90 -29.30 6.67 -0.61
N LYS C 91 -29.47 6.17 0.62
CA LYS C 91 -29.27 4.75 0.91
C LYS C 91 -30.43 3.86 0.43
N VAL C 92 -31.53 4.48 0.01
CA VAL C 92 -32.65 3.76 -0.59
C VAL C 92 -32.18 3.11 -1.90
N GLN C 93 -31.67 3.93 -2.83
CA GLN C 93 -31.05 3.43 -4.06
C GLN C 93 -30.16 2.22 -3.79
N ASP C 94 -29.28 2.35 -2.80
CA ASP C 94 -28.36 1.28 -2.40
C ASP C 94 -29.07 -0.01 -2.06
N ILE C 95 -30.21 0.10 -1.39
CA ILE C 95 -31.00 -1.07 -1.06
C ILE C 95 -31.67 -1.61 -2.30
N LYS C 96 -32.14 -0.71 -3.17
CA LYS C 96 -32.76 -1.15 -4.41
C LYS C 96 -31.80 -2.05 -5.19
N ASN C 97 -30.52 -1.69 -5.20
CA ASN C 97 -29.51 -2.48 -5.89
C ASN C 97 -29.28 -3.82 -5.18
N ASN C 98 -29.19 -3.79 -3.86
CA ASN C 98 -29.14 -5.01 -3.07
C ASN C 98 -30.26 -5.92 -3.51
N LEU C 99 -31.45 -5.37 -3.68
CA LEU C 99 -32.58 -6.14 -4.16
C LEU C 99 -32.30 -6.65 -5.57
N LYS C 100 -31.93 -5.75 -6.46
CA LYS C 100 -31.64 -6.14 -7.84
C LYS C 100 -30.57 -7.24 -7.87
N GLU C 101 -29.37 -6.89 -7.41
CA GLU C 101 -28.24 -7.80 -7.41
C GLU C 101 -28.60 -9.15 -6.81
N ALA C 102 -29.48 -9.16 -5.81
CA ALA C 102 -29.84 -10.41 -5.12
C ALA C 102 -30.71 -11.31 -5.98
N ILE C 103 -31.77 -10.76 -6.56
CA ILE C 103 -32.69 -11.56 -7.35
C ILE C 103 -32.01 -12.10 -8.63
N GLU C 104 -31.34 -11.20 -9.36
CA GLU C 104 -30.70 -11.58 -10.61
C GLU C 104 -29.60 -12.63 -10.42
N THR C 105 -28.94 -12.58 -9.26
CA THR C 105 -27.98 -13.61 -8.85
C THR C 105 -28.65 -14.96 -8.62
N ILE C 106 -29.79 -15.00 -7.95
CA ILE C 106 -30.42 -16.28 -7.69
C ILE C 106 -30.87 -16.98 -8.98
N VAL C 107 -31.38 -16.23 -9.94
CA VAL C 107 -31.86 -16.86 -11.18
C VAL C 107 -30.72 -17.28 -12.09
N ALA C 108 -29.67 -16.46 -12.16
CA ALA C 108 -28.52 -16.81 -12.97
C ALA C 108 -27.94 -18.14 -12.51
N ALA C 109 -27.84 -18.31 -11.20
CA ALA C 109 -27.35 -19.54 -10.59
C ALA C 109 -28.13 -20.79 -11.00
N MET C 110 -29.43 -20.65 -11.20
CA MET C 110 -30.31 -21.80 -11.41
C MET C 110 -29.87 -22.81 -12.47
N SER C 111 -29.44 -22.30 -13.62
CA SER C 111 -29.05 -23.15 -14.73
C SER C 111 -27.63 -23.70 -14.57
N ASN C 112 -26.75 -22.89 -13.99
CA ASN C 112 -25.35 -23.25 -13.81
C ASN C 112 -25.07 -24.11 -12.58
N LEU C 113 -26.13 -24.56 -11.92
CA LEU C 113 -25.98 -25.46 -10.79
C LEU C 113 -25.93 -26.92 -11.23
N VAL C 114 -25.51 -27.80 -10.32
CA VAL C 114 -25.41 -29.23 -10.62
C VAL C 114 -26.06 -30.10 -9.52
N PRO C 115 -27.24 -30.68 -9.81
CA PRO C 115 -27.99 -30.49 -11.04
C PRO C 115 -28.54 -29.07 -11.12
N PRO C 116 -28.86 -28.59 -12.34
CA PRO C 116 -29.51 -27.28 -12.49
C PRO C 116 -30.92 -27.32 -11.91
N VAL C 117 -31.46 -26.16 -11.52
CA VAL C 117 -32.80 -26.17 -10.93
C VAL C 117 -33.85 -25.62 -11.89
N GLU C 118 -34.95 -26.37 -12.02
CA GLU C 118 -36.11 -25.96 -12.80
C GLU C 118 -37.07 -25.16 -11.93
N LEU C 119 -37.87 -24.32 -12.57
CA LEU C 119 -38.93 -23.58 -11.91
C LEU C 119 -40.12 -24.51 -11.71
N ALA C 120 -40.91 -24.25 -10.67
CA ALA C 120 -42.16 -24.99 -10.48
C ALA C 120 -43.30 -24.33 -11.25
N ASN C 121 -43.00 -23.16 -11.82
CA ASN C 121 -43.90 -22.43 -12.72
C ASN C 121 -43.13 -21.97 -13.95
N PRO C 122 -43.14 -22.77 -15.02
CA PRO C 122 -42.42 -22.43 -16.26
C PRO C 122 -42.90 -21.16 -16.99
N GLU C 123 -44.06 -20.64 -16.59
CA GLU C 123 -44.55 -19.33 -17.04
C GLU C 123 -43.57 -18.25 -16.60
N ASN C 124 -42.99 -18.45 -15.41
CA ASN C 124 -42.03 -17.53 -14.83
C ASN C 124 -40.80 -17.32 -15.70
N GLN C 125 -40.65 -18.16 -16.72
CA GLN C 125 -39.54 -18.06 -17.65
C GLN C 125 -39.43 -16.65 -18.21
N PHE C 126 -40.56 -16.07 -18.60
CA PHE C 126 -40.57 -14.73 -19.19
C PHE C 126 -40.09 -13.65 -18.23
N ARG C 127 -40.38 -13.85 -16.95
CA ARG C 127 -39.85 -13.01 -15.88
C ARG C 127 -38.35 -13.24 -15.76
N VAL C 128 -37.96 -14.51 -15.62
CA VAL C 128 -36.54 -14.90 -15.64
C VAL C 128 -35.86 -14.19 -16.78
N ASP C 129 -36.47 -14.28 -17.95
CA ASP C 129 -36.02 -13.58 -19.15
C ASP C 129 -35.92 -12.07 -18.93
N TYR C 130 -36.98 -11.48 -18.35
CA TYR C 130 -36.96 -10.05 -18.03
C TYR C 130 -35.76 -9.69 -17.18
N ILE C 131 -35.60 -10.43 -16.09
CA ILE C 131 -34.58 -10.16 -15.12
C ILE C 131 -33.18 -10.18 -15.72
N LEU C 132 -32.91 -11.22 -16.51
CA LEU C 132 -31.58 -11.39 -17.07
C LEU C 132 -31.28 -10.31 -18.11
N SER C 133 -32.32 -9.83 -18.78
CA SER C 133 -32.17 -8.80 -19.80
C SER C 133 -31.76 -7.45 -19.22
N VAL C 134 -32.14 -7.21 -17.95
CA VAL C 134 -31.82 -5.95 -17.27
C VAL C 134 -30.59 -6.06 -16.37
N MET C 135 -30.05 -7.26 -16.23
CA MET C 135 -28.96 -7.50 -15.27
C MET C 135 -27.81 -6.49 -15.30
N ASN C 136 -27.35 -6.12 -16.48
CA ASN C 136 -26.18 -5.24 -16.55
C ASN C 136 -26.46 -3.78 -16.92
N VAL C 137 -27.74 -3.41 -16.98
CA VAL C 137 -28.14 -2.02 -17.25
C VAL C 137 -27.47 -1.06 -16.24
N PRO C 138 -26.83 0.02 -16.74
CA PRO C 138 -26.03 0.90 -15.88
C PRO C 138 -26.82 1.73 -14.86
N ASP C 139 -27.58 2.71 -15.33
CA ASP C 139 -28.42 3.55 -14.44
C ASP C 139 -29.85 3.03 -14.46
N PHE C 140 -30.11 2.02 -13.63
CA PHE C 140 -31.41 1.33 -13.68
C PHE C 140 -32.53 2.18 -13.10
N ASP C 141 -33.60 2.29 -13.88
CA ASP C 141 -34.73 3.20 -13.62
C ASP C 141 -35.67 2.69 -12.52
N PHE C 142 -35.51 1.42 -12.17
CA PHE C 142 -36.37 0.70 -11.20
C PHE C 142 -37.87 0.94 -11.37
N PRO C 143 -38.43 0.54 -12.52
CA PRO C 143 -39.85 0.77 -12.77
C PRO C 143 -40.70 -0.30 -12.09
N PRO C 144 -42.02 -0.04 -11.94
CA PRO C 144 -42.95 -0.87 -11.18
C PRO C 144 -42.99 -2.34 -11.58
N GLU C 145 -42.67 -2.64 -12.83
CA GLU C 145 -42.55 -4.01 -13.32
C GLU C 145 -41.55 -4.76 -12.44
N PHE C 146 -40.32 -4.26 -12.42
CA PHE C 146 -39.19 -4.93 -11.78
C PHE C 146 -39.60 -5.60 -10.50
N TYR C 147 -40.42 -4.90 -9.74
CA TYR C 147 -40.85 -5.34 -8.44
C TYR C 147 -41.88 -6.44 -8.56
N GLU C 148 -42.82 -6.25 -9.49
CA GLU C 148 -43.82 -7.27 -9.76
C GLU C 148 -43.13 -8.56 -10.18
N HIS C 149 -42.15 -8.44 -11.07
CA HIS C 149 -41.43 -9.56 -11.62
C HIS C 149 -40.55 -10.23 -10.56
N ALA C 150 -39.82 -9.42 -9.81
CA ALA C 150 -38.98 -9.91 -8.72
C ALA C 150 -39.81 -10.66 -7.70
N LYS C 151 -40.92 -10.06 -7.28
CA LYS C 151 -41.78 -10.70 -6.31
C LYS C 151 -42.23 -12.04 -6.86
N ALA C 152 -42.72 -12.02 -8.10
CA ALA C 152 -43.21 -13.22 -8.74
C ALA C 152 -42.20 -14.35 -8.59
N LEU C 153 -40.99 -14.12 -9.10
CA LEU C 153 -39.92 -15.11 -9.08
C LEU C 153 -39.66 -15.59 -7.66
N TRP C 154 -39.48 -14.62 -6.76
CA TRP C 154 -39.26 -14.92 -5.35
C TRP C 154 -40.34 -15.84 -4.78
N GLU C 155 -41.53 -15.83 -5.37
CA GLU C 155 -42.60 -16.72 -4.93
C GLU C 155 -42.38 -18.13 -5.46
N ASP C 156 -41.83 -18.24 -6.67
CA ASP C 156 -41.62 -19.53 -7.31
C ASP C 156 -40.81 -20.48 -6.43
N GLU C 157 -41.45 -21.55 -5.98
CA GLU C 157 -40.83 -22.53 -5.09
C GLU C 157 -39.50 -23.06 -5.62
N GLY C 158 -39.42 -23.20 -6.94
CA GLY C 158 -38.17 -23.53 -7.61
C GLY C 158 -37.10 -22.49 -7.37
N VAL C 159 -37.42 -21.21 -7.58
CA VAL C 159 -36.47 -20.11 -7.38
C VAL C 159 -35.92 -20.13 -5.96
N ARG C 160 -36.81 -20.36 -5.00
CA ARG C 160 -36.44 -20.46 -3.59
C ARG C 160 -35.51 -21.65 -3.34
N ALA C 161 -35.83 -22.78 -3.96
CA ALA C 161 -35.02 -23.99 -3.84
C ALA C 161 -33.57 -23.70 -4.19
N CYS C 162 -33.39 -22.88 -5.22
CA CYS C 162 -32.07 -22.45 -5.66
C CYS C 162 -31.43 -21.54 -4.64
N TYR C 163 -32.25 -20.75 -3.95
CA TYR C 163 -31.75 -19.90 -2.87
C TYR C 163 -31.26 -20.73 -1.68
N GLU C 164 -31.80 -21.94 -1.51
CA GLU C 164 -31.27 -22.84 -0.48
C GLU C 164 -29.83 -23.23 -0.80
N ARG C 165 -29.56 -23.48 -2.08
CA ARG C 165 -28.21 -23.85 -2.52
C ARG C 165 -27.32 -22.63 -2.77
N SER C 166 -27.63 -21.52 -2.10
CA SER C 166 -26.92 -20.26 -2.30
C SER C 166 -25.49 -20.31 -1.85
N ASN C 167 -25.11 -21.37 -1.15
CA ASN C 167 -23.73 -21.52 -0.78
C ASN C 167 -22.88 -21.94 -1.98
N GLU C 168 -23.50 -22.64 -2.95
CA GLU C 168 -22.79 -23.14 -4.13
C GLU C 168 -22.40 -22.04 -5.11
N TYR C 169 -22.76 -20.80 -4.77
CA TYR C 169 -22.47 -19.65 -5.62
C TYR C 169 -22.48 -18.41 -4.75
N GLN C 170 -21.92 -17.31 -5.25
CA GLN C 170 -21.68 -16.10 -4.44
C GLN C 170 -22.88 -15.17 -4.37
N LEU C 171 -23.41 -15.01 -3.15
CA LEU C 171 -24.67 -14.31 -2.93
C LEU C 171 -24.69 -13.50 -1.62
N ILE C 172 -25.12 -12.25 -1.72
CA ILE C 172 -25.14 -11.35 -0.57
C ILE C 172 -26.05 -11.86 0.56
N ASP C 173 -25.81 -11.34 1.77
CA ASP C 173 -26.43 -11.85 3.00
C ASP C 173 -27.78 -11.24 3.22
N CYS C 174 -28.07 -10.19 2.47
CA CYS C 174 -29.33 -9.49 2.61
C CYS C 174 -30.39 -9.98 1.63
N ALA C 175 -30.15 -11.13 0.99
CA ALA C 175 -31.08 -11.64 -0.02
C ALA C 175 -32.45 -11.90 0.56
N GLN C 176 -32.59 -13.00 1.31
CA GLN C 176 -33.88 -13.44 1.83
C GLN C 176 -34.60 -12.37 2.63
N TYR C 177 -33.84 -11.44 3.19
CA TYR C 177 -34.39 -10.37 4.01
C TYR C 177 -35.10 -9.31 3.17
N PHE C 178 -34.43 -8.79 2.15
CA PHE C 178 -35.04 -7.73 1.34
C PHE C 178 -36.14 -8.22 0.43
N LEU C 179 -35.92 -9.38 -0.18
CA LEU C 179 -36.90 -10.00 -1.06
C LEU C 179 -38.19 -10.32 -0.32
N ASP C 180 -38.07 -10.64 0.96
CA ASP C 180 -39.26 -10.81 1.81
C ASP C 180 -39.99 -9.48 2.02
N LYS C 181 -39.34 -8.36 1.68
CA LYS C 181 -39.99 -7.06 1.83
C LYS C 181 -39.92 -6.18 0.59
N ILE C 182 -40.19 -6.78 -0.57
CA ILE C 182 -40.22 -6.05 -1.84
C ILE C 182 -41.29 -4.97 -1.82
N ASP C 183 -42.48 -5.38 -1.39
CA ASP C 183 -43.66 -4.51 -1.35
C ASP C 183 -43.40 -3.20 -0.64
N VAL C 184 -42.66 -3.27 0.47
CA VAL C 184 -42.34 -2.09 1.26
C VAL C 184 -41.35 -1.22 0.50
N ILE C 185 -40.32 -1.85 -0.06
CA ILE C 185 -39.25 -1.12 -0.72
C ILE C 185 -39.72 -0.38 -1.98
N LYS C 186 -40.67 -0.98 -2.69
CA LYS C 186 -41.14 -0.42 -3.95
C LYS C 186 -41.89 0.92 -3.83
N GLN C 187 -42.50 1.17 -2.66
CA GLN C 187 -43.31 2.37 -2.42
C GLN C 187 -42.47 3.63 -2.55
N ASP C 188 -42.92 4.55 -3.40
CA ASP C 188 -42.17 5.78 -3.72
C ASP C 188 -41.94 6.64 -2.48
N ASP C 189 -42.73 6.41 -1.44
CA ASP C 189 -42.58 7.10 -0.17
C ASP C 189 -41.87 6.20 0.87
N TYR C 190 -40.92 5.40 0.39
CA TYR C 190 -40.19 4.47 1.23
C TYR C 190 -39.09 5.14 2.05
N VAL C 191 -39.14 4.90 3.35
CA VAL C 191 -38.12 5.35 4.28
C VAL C 191 -37.54 4.10 4.95
N PRO C 192 -36.24 3.85 4.74
CA PRO C 192 -35.67 2.59 5.21
C PRO C 192 -35.55 2.57 6.72
N SER C 193 -35.90 1.45 7.34
CA SER C 193 -35.79 1.31 8.78
C SER C 193 -34.33 1.37 9.23
N ASP C 194 -34.09 1.41 10.53
CA ASP C 194 -32.71 1.32 11.03
C ASP C 194 -32.15 -0.04 10.66
N GLN C 195 -32.95 -1.09 10.86
CA GLN C 195 -32.54 -2.45 10.52
C GLN C 195 -32.26 -2.59 9.03
N ASP C 196 -32.98 -1.84 8.19
CA ASP C 196 -32.70 -1.83 6.75
C ASP C 196 -31.33 -1.26 6.41
N LEU C 197 -30.96 -0.13 7.00
CA LEU C 197 -29.64 0.44 6.75
C LEU C 197 -28.51 -0.48 7.23
N LEU C 198 -28.77 -1.25 8.27
CA LEU C 198 -27.79 -2.21 8.77
C LEU C 198 -27.64 -3.36 7.80
N ARG C 199 -28.75 -3.85 7.26
CA ARG C 199 -28.77 -5.05 6.42
C ARG C 199 -28.29 -4.78 5.00
N CYS C 200 -28.26 -3.51 4.60
CA CYS C 200 -27.79 -3.07 3.28
C CYS C 200 -26.35 -3.50 3.11
N ARG C 201 -25.87 -3.55 1.87
CA ARG C 201 -24.49 -3.93 1.64
C ARG C 201 -23.83 -3.09 0.55
N VAL C 202 -22.84 -2.33 0.96
CA VAL C 202 -21.95 -1.64 0.06
C VAL C 202 -20.59 -2.11 0.52
N LEU C 203 -19.82 -2.68 -0.38
CA LEU C 203 -18.50 -3.21 -0.01
C LEU C 203 -17.50 -2.10 0.34
N THR C 204 -16.66 -2.39 1.34
CA THR C 204 -15.67 -1.45 1.83
C THR C 204 -14.50 -1.37 0.84
N SER C 205 -14.20 -0.15 0.41
CA SER C 205 -13.02 0.13 -0.41
C SER C 205 -12.27 1.35 0.13
N GLY C 206 -11.22 1.08 0.92
CA GLY C 206 -10.42 2.13 1.54
C GLY C 206 -10.51 2.11 3.05
N ILE C 207 -9.78 3.01 3.70
CA ILE C 207 -9.79 3.10 5.15
C ILE C 207 -10.69 4.25 5.56
N PHE C 208 -11.53 4.01 6.56
CA PHE C 208 -12.52 5.00 6.99
C PHE C 208 -12.55 5.21 8.51
N GLU C 209 -12.08 6.40 8.91
CA GLU C 209 -12.06 6.85 10.30
C GLU C 209 -13.47 7.15 10.76
N THR C 210 -13.81 6.72 11.97
CA THR C 210 -15.11 7.01 12.56
C THR C 210 -14.96 7.27 14.04
N LYS C 211 -15.28 8.49 14.45
CA LYS C 211 -15.19 8.92 15.85
C LYS C 211 -16.53 8.73 16.58
N PHE C 212 -16.47 8.06 17.72
CA PHE C 212 -17.56 8.13 18.68
C PHE C 212 -17.05 8.32 20.12
N GLN C 213 -17.98 8.57 21.04
CA GLN C 213 -17.68 8.87 22.43
C GLN C 213 -18.65 8.10 23.32
N VAL C 214 -18.11 7.38 24.30
CA VAL C 214 -18.94 6.66 25.27
C VAL C 214 -18.50 7.00 26.69
N ASP C 215 -19.37 7.70 27.42
CA ASP C 215 -19.05 8.17 28.78
C ASP C 215 -17.84 9.11 28.80
N LYS C 216 -17.90 10.14 27.96
CA LYS C 216 -16.82 11.14 27.78
C LYS C 216 -15.49 10.55 27.29
N VAL C 217 -15.39 9.21 27.31
CA VAL C 217 -14.23 8.47 26.77
C VAL C 217 -14.30 8.42 25.24
N ASN C 218 -13.15 8.58 24.58
CA ASN C 218 -13.13 8.68 23.11
C ASN C 218 -12.68 7.41 22.34
N PHE C 219 -13.32 7.18 21.21
CA PHE C 219 -13.11 5.98 20.43
C PHE C 219 -12.99 6.29 18.95
N HIS C 220 -11.79 6.13 18.41
CA HIS C 220 -11.53 6.17 16.97
C HIS C 220 -11.66 4.77 16.40
N MET C 221 -12.40 4.62 15.31
CA MET C 221 -12.56 3.33 14.66
C MET C 221 -12.25 3.38 13.17
N PHE C 222 -11.37 2.50 12.73
CA PHE C 222 -10.98 2.41 11.33
C PHE C 222 -11.54 1.14 10.69
N ASP C 223 -12.19 1.33 9.54
CA ASP C 223 -12.75 0.25 8.75
C ASP C 223 -11.89 0.03 7.52
N VAL C 224 -11.78 -1.24 7.10
CA VAL C 224 -10.91 -1.58 5.97
C VAL C 224 -11.51 -2.69 5.10
N GLY C 225 -11.02 -2.76 3.86
CA GLY C 225 -11.39 -3.84 2.96
C GLY C 225 -11.00 -5.21 3.53
N GLY C 226 -11.99 -6.07 3.71
CA GLY C 226 -11.75 -7.43 4.16
C GLY C 226 -11.20 -8.33 3.08
N GLN C 227 -11.39 -7.94 1.82
CA GLN C 227 -10.94 -8.70 0.65
C GLN C 227 -9.43 -8.61 0.48
N ARG C 228 -8.88 -9.49 -0.35
CA ARG C 228 -7.43 -9.66 -0.46
C ARG C 228 -6.70 -8.48 -1.06
N ASP C 229 -7.26 -7.92 -2.11
CA ASP C 229 -6.63 -6.79 -2.81
C ASP C 229 -6.52 -5.61 -1.86
N GLU C 230 -7.43 -5.60 -0.88
CA GLU C 230 -7.61 -4.46 -0.02
C GLU C 230 -6.73 -4.49 1.21
N ARG C 231 -6.28 -5.69 1.57
CA ARG C 231 -5.52 -5.89 2.80
C ARG C 231 -4.22 -5.08 2.86
N ARG C 232 -3.66 -4.75 1.71
CA ARG C 232 -2.40 -4.02 1.64
C ARG C 232 -2.44 -2.61 2.25
N LYS C 233 -3.62 -2.20 2.69
CA LYS C 233 -3.82 -0.90 3.34
C LYS C 233 -3.73 -1.01 4.86
N TRP C 234 -4.02 -2.21 5.39
CA TRP C 234 -4.03 -2.50 6.83
C TRP C 234 -2.82 -1.96 7.59
N ILE C 235 -1.63 -2.19 7.05
CA ILE C 235 -0.38 -1.67 7.61
C ILE C 235 -0.48 -0.19 8.02
N GLN C 236 -1.27 0.58 7.29
CA GLN C 236 -1.40 2.02 7.55
C GLN C 236 -2.19 2.31 8.81
N CYS C 237 -2.54 1.26 9.54
CA CYS C 237 -3.25 1.42 10.80
C CYS C 237 -2.54 0.68 11.92
N PHE C 238 -1.48 -0.04 11.58
CA PHE C 238 -0.84 -0.98 12.49
C PHE C 238 -0.16 -0.30 13.67
N ASN C 239 0.69 0.69 13.38
CA ASN C 239 1.33 1.46 14.44
C ASN C 239 0.34 2.34 15.19
N ASP C 240 0.42 2.30 16.53
CA ASP C 240 -0.44 3.09 17.42
C ASP C 240 -1.78 2.41 17.75
N VAL C 241 -2.02 1.22 17.20
CA VAL C 241 -3.32 0.59 17.42
C VAL C 241 -3.53 0.15 18.86
N THR C 242 -4.60 0.67 19.43
CA THR C 242 -5.00 0.39 20.79
C THR C 242 -5.50 -1.04 20.97
N ALA C 243 -6.17 -1.57 19.94
CA ALA C 243 -6.56 -2.98 19.90
C ALA C 243 -7.20 -3.34 18.56
N ILE C 244 -7.14 -4.63 18.24
CA ILE C 244 -7.71 -5.16 17.03
C ILE C 244 -9.07 -5.76 17.33
N ILE C 245 -10.04 -5.45 16.50
CA ILE C 245 -11.27 -6.22 16.47
C ILE C 245 -11.23 -6.99 15.18
N PHE C 246 -11.03 -8.30 15.30
CA PHE C 246 -11.02 -9.18 14.15
C PHE C 246 -12.42 -9.77 14.02
N VAL C 247 -12.97 -9.70 12.81
CA VAL C 247 -14.37 -10.04 12.58
C VAL C 247 -14.50 -11.27 11.70
N VAL C 248 -15.39 -12.16 12.09
CA VAL C 248 -15.49 -13.47 11.47
C VAL C 248 -16.95 -13.88 11.22
N ALA C 249 -17.25 -14.11 9.94
CA ALA C 249 -18.54 -14.65 9.55
C ALA C 249 -18.66 -16.14 9.93
N SER C 250 -18.99 -16.39 11.19
CA SER C 250 -19.18 -17.73 11.74
C SER C 250 -20.03 -18.62 10.84
N SER C 251 -21.04 -18.01 10.23
CA SER C 251 -21.99 -18.71 9.35
C SER C 251 -21.36 -19.23 8.05
N SER C 252 -20.36 -18.51 7.56
CA SER C 252 -19.76 -18.77 6.25
C SER C 252 -18.89 -20.04 6.20
N TYR C 253 -19.18 -21.00 7.07
CA TYR C 253 -18.37 -22.23 7.15
C TYR C 253 -18.58 -23.16 5.98
N ASN C 254 -19.65 -22.93 5.22
CA ASN C 254 -20.01 -23.75 4.07
C ASN C 254 -19.90 -23.02 2.73
N MET C 255 -18.99 -22.04 2.65
CA MET C 255 -18.91 -21.15 1.49
C MET C 255 -17.48 -20.77 1.10
N VAL C 256 -17.26 -20.52 -0.19
CA VAL C 256 -15.91 -20.17 -0.67
C VAL C 256 -15.76 -18.67 -0.93
N ILE C 257 -14.56 -18.13 -0.79
CA ILE C 257 -14.38 -16.66 -0.97
C ILE C 257 -14.72 -16.20 -2.38
N ARG C 258 -15.10 -14.93 -2.49
CA ARG C 258 -15.38 -14.29 -3.79
C ARG C 258 -14.12 -14.23 -4.66
N GLU C 259 -12.98 -14.02 -4.01
CA GLU C 259 -11.74 -13.68 -4.69
C GLU C 259 -11.19 -14.78 -5.59
N ASP C 260 -11.60 -16.03 -5.37
CA ASP C 260 -11.21 -17.15 -6.24
C ASP C 260 -12.23 -18.27 -6.38
N ASN C 261 -13.42 -18.09 -5.83
CA ASN C 261 -14.48 -19.11 -5.89
C ASN C 261 -14.07 -20.54 -5.50
N GLN C 262 -12.98 -20.67 -4.75
CA GLN C 262 -12.50 -22.00 -4.32
C GLN C 262 -12.12 -22.09 -2.83
N THR C 263 -11.45 -21.05 -2.31
CA THR C 263 -10.96 -21.04 -0.93
C THR C 263 -12.03 -20.74 0.12
N ASN C 264 -12.33 -21.77 0.94
CA ASN C 264 -13.33 -21.72 2.03
C ASN C 264 -13.23 -20.48 2.92
N ARG C 265 -14.35 -19.82 3.14
CA ARG C 265 -14.40 -18.50 3.77
C ARG C 265 -13.91 -18.47 5.22
N LEU C 266 -14.27 -19.50 5.98
CA LEU C 266 -13.88 -19.65 7.39
C LEU C 266 -12.41 -20.01 7.51
N GLN C 267 -11.93 -20.87 6.62
CA GLN C 267 -10.50 -21.15 6.59
C GLN C 267 -9.75 -19.86 6.27
N GLU C 268 -10.20 -19.16 5.23
CA GLU C 268 -9.61 -17.86 4.89
C GLU C 268 -9.67 -16.96 6.11
N ALA C 269 -10.71 -17.12 6.92
CA ALA C 269 -10.80 -16.39 8.16
C ALA C 269 -9.72 -16.85 9.16
N LEU C 270 -9.63 -18.17 9.39
CA LEU C 270 -8.61 -18.75 10.29
C LEU C 270 -7.20 -18.30 9.89
N ASN C 271 -6.86 -18.51 8.62
CA ASN C 271 -5.55 -18.11 8.10
C ASN C 271 -5.29 -16.63 8.28
N LEU C 272 -6.29 -15.80 8.02
CA LEU C 272 -6.15 -14.35 8.16
C LEU C 272 -5.86 -13.96 9.60
N PHE C 273 -6.49 -14.66 10.55
CA PHE C 273 -6.30 -14.42 11.98
C PHE C 273 -4.88 -14.79 12.34
N LYS C 274 -4.47 -16.00 11.97
CA LYS C 274 -3.11 -16.49 12.17
C LYS C 274 -2.09 -15.50 11.62
N SER C 275 -2.37 -14.91 10.45
CA SER C 275 -1.58 -13.80 9.91
C SER C 275 -1.46 -12.62 10.87
N ILE C 276 -2.56 -12.29 11.54
CA ILE C 276 -2.64 -11.10 12.40
C ILE C 276 -2.07 -11.38 13.79
N TRP C 277 -2.47 -12.51 14.37
CA TRP C 277 -2.02 -12.94 15.69
C TRP C 277 -0.49 -13.01 15.73
N ASN C 278 0.09 -13.66 14.73
CA ASN C 278 1.54 -13.81 14.66
C ASN C 278 2.18 -12.72 13.84
N ASN C 279 1.49 -11.61 13.61
CA ASN C 279 2.09 -10.52 12.86
C ASN C 279 3.28 -9.92 13.57
N ARG C 280 4.23 -9.39 12.81
CA ARG C 280 5.49 -8.91 13.39
C ARG C 280 5.33 -7.55 14.04
N TRP C 281 4.39 -6.77 13.53
CA TRP C 281 4.17 -5.45 14.10
C TRP C 281 2.98 -5.41 15.06
N LEU C 282 2.47 -6.60 15.41
CA LEU C 282 1.29 -6.72 16.28
C LEU C 282 1.55 -7.62 17.47
N ARG C 283 2.83 -7.72 17.86
CA ARG C 283 3.28 -8.59 18.96
C ARG C 283 2.65 -8.21 20.31
N THR C 284 2.57 -6.91 20.58
CA THR C 284 1.95 -6.36 21.80
C THR C 284 0.41 -6.36 21.76
N ILE C 285 -0.17 -6.14 20.58
CA ILE C 285 -1.57 -5.77 20.45
C ILE C 285 -2.49 -6.96 20.61
N SER C 286 -3.48 -6.81 21.49
CA SER C 286 -4.48 -7.84 21.70
C SER C 286 -5.64 -7.72 20.72
N VAL C 287 -6.34 -8.83 20.53
CA VAL C 287 -7.32 -8.94 19.48
C VAL C 287 -8.61 -9.47 20.06
N ILE C 288 -9.61 -8.59 20.13
CA ILE C 288 -10.96 -8.99 20.51
C ILE C 288 -11.64 -9.59 19.29
N LEU C 289 -12.07 -10.83 19.46
CA LEU C 289 -12.59 -11.64 18.38
C LEU C 289 -14.12 -11.61 18.34
N PHE C 290 -14.67 -11.07 17.26
CA PHE C 290 -16.11 -11.05 17.07
C PHE C 290 -16.49 -12.23 16.21
N LEU C 291 -17.02 -13.28 16.82
CA LEU C 291 -17.51 -14.42 16.05
C LEU C 291 -18.91 -14.10 15.50
N ASN C 292 -18.92 -13.26 14.47
CA ASN C 292 -20.13 -12.62 13.98
C ASN C 292 -21.15 -13.56 13.35
N LYS C 293 -22.32 -13.02 13.02
CA LYS C 293 -23.40 -13.76 12.34
C LYS C 293 -23.79 -15.08 13.06
N GLN C 294 -24.06 -14.96 14.35
CA GLN C 294 -24.39 -16.10 15.19
C GLN C 294 -25.80 -16.65 14.91
N ASP C 295 -26.70 -15.75 14.56
CA ASP C 295 -28.04 -16.07 14.07
C ASP C 295 -28.01 -16.97 12.84
N LEU C 296 -27.34 -16.50 11.78
CA LEU C 296 -27.16 -17.28 10.56
C LEU C 296 -26.50 -18.64 10.81
N LEU C 297 -25.54 -18.68 11.72
CA LEU C 297 -24.92 -19.94 12.12
C LEU C 297 -25.98 -20.87 12.68
N ALA C 298 -26.64 -20.41 13.73
CA ALA C 298 -27.65 -21.16 14.41
C ALA C 298 -28.61 -21.77 13.40
N GLU C 299 -29.09 -20.93 12.50
CA GLU C 299 -30.08 -21.37 11.53
C GLU C 299 -29.57 -22.55 10.70
N LYS C 300 -28.35 -22.43 10.21
CA LYS C 300 -27.72 -23.46 9.37
C LYS C 300 -27.55 -24.77 10.14
N VAL C 301 -27.22 -24.65 11.42
CA VAL C 301 -26.93 -25.82 12.24
C VAL C 301 -28.21 -26.61 12.46
N LEU C 302 -29.27 -25.88 12.78
CA LEU C 302 -30.58 -26.48 13.04
C LEU C 302 -31.18 -27.07 11.77
N ALA C 303 -31.09 -26.32 10.67
CA ALA C 303 -31.54 -26.78 9.35
C ALA C 303 -30.99 -28.16 8.97
N GLY C 304 -29.74 -28.43 9.36
CA GLY C 304 -29.09 -29.72 9.09
C GLY C 304 -28.94 -30.07 7.62
N LYS C 305 -28.81 -29.06 6.77
CA LYS C 305 -28.59 -29.30 5.34
C LYS C 305 -27.12 -29.55 5.08
N SER C 306 -26.31 -28.49 5.11
CA SER C 306 -24.87 -28.64 5.01
C SER C 306 -24.25 -28.83 6.40
N LYS C 307 -23.77 -30.04 6.65
CA LYS C 307 -23.15 -30.39 7.93
C LYS C 307 -21.76 -29.78 8.04
N ILE C 308 -21.39 -29.39 9.26
CA ILE C 308 -20.07 -28.79 9.52
C ILE C 308 -18.91 -29.77 9.28
N GLU C 309 -19.02 -30.98 9.87
CA GLU C 309 -17.96 -32.00 9.74
C GLU C 309 -17.63 -32.35 8.28
N ASP C 310 -18.49 -31.94 7.36
CA ASP C 310 -18.26 -32.17 5.94
C ASP C 310 -17.38 -31.10 5.29
N TYR C 311 -16.98 -30.10 6.07
CA TYR C 311 -16.08 -29.04 5.59
C TYR C 311 -14.83 -28.99 6.47
N PHE C 312 -15.04 -29.04 7.79
CA PHE C 312 -13.97 -28.99 8.77
C PHE C 312 -14.04 -30.28 9.56
N PRO C 313 -13.46 -31.38 9.03
CA PRO C 313 -13.76 -32.74 9.53
C PRO C 313 -13.36 -32.99 10.98
N GLU C 314 -12.46 -32.17 11.51
CA GLU C 314 -12.09 -32.22 12.93
C GLU C 314 -13.29 -31.97 13.86
N PHE C 315 -14.35 -31.40 13.31
CA PHE C 315 -15.57 -31.19 14.05
C PHE C 315 -16.11 -32.51 14.56
N ALA C 316 -16.01 -33.54 13.70
CA ALA C 316 -16.48 -34.89 14.02
C ALA C 316 -16.02 -35.36 15.40
N ARG C 317 -14.80 -34.96 15.77
CA ARG C 317 -14.21 -35.35 17.05
C ARG C 317 -14.71 -34.49 18.22
N TYR C 318 -14.76 -33.19 17.98
CA TYR C 318 -15.11 -32.17 18.99
C TYR C 318 -16.29 -32.50 19.90
N THR C 319 -16.06 -32.50 21.21
CA THR C 319 -17.16 -32.46 22.19
C THR C 319 -17.20 -31.08 22.83
N THR C 320 -18.35 -30.76 23.43
CA THR C 320 -18.61 -29.44 23.97
C THR C 320 -17.80 -29.18 25.24
N PRO C 321 -17.21 -27.98 25.38
CA PRO C 321 -16.34 -27.61 26.51
C PRO C 321 -17.03 -27.63 27.89
N GLU C 322 -16.24 -27.47 28.94
CA GLU C 322 -16.77 -27.48 30.31
C GLU C 322 -17.18 -26.09 30.77
N ASP C 323 -16.40 -25.09 30.38
CA ASP C 323 -16.65 -23.68 30.73
C ASP C 323 -17.80 -23.04 29.94
N ALA C 324 -18.53 -23.87 29.20
CA ALA C 324 -19.58 -23.39 28.29
C ALA C 324 -20.74 -22.70 29.02
N THR C 325 -21.06 -21.49 28.57
CA THR C 325 -22.20 -20.73 29.10
C THR C 325 -23.25 -20.53 28.00
N PRO C 326 -24.15 -21.53 27.82
CA PRO C 326 -25.12 -21.43 26.73
C PRO C 326 -26.21 -20.39 27.01
N GLU C 327 -26.61 -19.68 25.95
CA GLU C 327 -27.70 -18.71 26.01
C GLU C 327 -28.99 -19.42 26.38
N PRO C 328 -29.82 -18.79 27.26
CA PRO C 328 -30.97 -19.51 27.83
C PRO C 328 -31.78 -20.27 26.77
N GLY C 329 -31.83 -21.60 26.90
CA GLY C 329 -32.59 -22.45 25.98
C GLY C 329 -32.16 -22.42 24.52
N GLU C 330 -30.86 -22.19 24.31
CA GLU C 330 -30.23 -22.42 23.01
C GLU C 330 -29.94 -23.92 22.87
N ASP C 331 -30.15 -24.46 21.66
CA ASP C 331 -29.98 -25.90 21.41
C ASP C 331 -28.52 -26.32 21.67
N PRO C 332 -28.33 -27.44 22.41
CA PRO C 332 -27.03 -28.09 22.64
C PRO C 332 -26.20 -28.21 21.37
N ARG C 333 -26.87 -28.39 20.23
CA ARG C 333 -26.20 -28.49 18.94
C ARG C 333 -25.65 -27.13 18.49
N VAL C 334 -26.47 -26.09 18.59
CA VAL C 334 -25.98 -24.73 18.29
C VAL C 334 -24.84 -24.34 19.21
N THR C 335 -24.98 -24.66 20.50
CA THR C 335 -23.88 -24.40 21.45
C THR C 335 -22.63 -25.17 21.03
N ARG C 336 -22.79 -26.47 20.76
CA ARG C 336 -21.66 -27.27 20.29
C ARG C 336 -20.95 -26.59 19.12
N ALA C 337 -21.74 -26.12 18.14
CA ALA C 337 -21.22 -25.56 16.90
C ALA C 337 -20.49 -24.25 17.12
N LYS C 338 -21.14 -23.32 17.81
CA LYS C 338 -20.61 -21.98 18.00
C LYS C 338 -19.27 -22.00 18.73
N TYR C 339 -19.11 -22.95 19.64
CA TYR C 339 -17.90 -23.07 20.45
C TYR C 339 -16.73 -23.76 19.74
N PHE C 340 -17.05 -24.66 18.80
CA PHE C 340 -16.05 -25.33 17.99
C PHE C 340 -15.33 -24.31 17.14
N ILE C 341 -16.10 -23.43 16.51
CA ILE C 341 -15.56 -22.32 15.77
C ILE C 341 -14.75 -21.37 16.65
N ARG C 342 -15.18 -21.18 17.89
CA ARG C 342 -14.40 -20.35 18.81
C ARG C 342 -13.07 -21.02 19.09
N ASP C 343 -13.12 -22.30 19.49
CA ASP C 343 -11.95 -23.09 19.84
C ASP C 343 -10.98 -23.23 18.68
N GLU C 344 -11.53 -23.28 17.47
CA GLU C 344 -10.74 -23.25 16.25
C GLU C 344 -9.83 -22.01 16.23
N PHE C 345 -10.43 -20.88 16.56
CA PHE C 345 -9.70 -19.64 16.53
C PHE C 345 -8.71 -19.57 17.68
N LEU C 346 -9.13 -20.09 18.83
CA LEU C 346 -8.32 -20.02 20.03
C LEU C 346 -7.04 -20.87 19.93
N ARG C 347 -7.10 -22.00 19.23
CA ARG C 347 -5.93 -22.85 19.05
C ARG C 347 -4.76 -22.05 18.51
N ILE C 348 -5.03 -21.20 17.52
CA ILE C 348 -4.05 -20.27 16.97
C ILE C 348 -3.59 -19.27 18.02
N SER C 349 -4.53 -18.68 18.76
CA SER C 349 -4.16 -17.67 19.73
C SER C 349 -3.40 -18.26 20.92
N THR C 350 -3.74 -19.49 21.30
CA THR C 350 -3.09 -20.21 22.41
C THR C 350 -1.61 -20.46 22.13
N ALA C 351 -1.32 -20.96 20.93
CA ALA C 351 0.01 -21.47 20.58
C ALA C 351 1.17 -20.47 20.61
N SER C 352 0.88 -19.17 20.78
CA SER C 352 1.92 -18.13 20.82
C SER C 352 1.45 -16.79 21.39
N GLY C 353 2.41 -15.92 21.70
CA GLY C 353 2.10 -14.60 22.26
C GLY C 353 2.87 -14.22 23.52
N ASP C 354 3.18 -15.23 24.34
CA ASP C 354 3.95 -15.07 25.59
C ASP C 354 3.26 -14.21 26.67
N GLY C 355 1.97 -13.95 26.51
CA GLY C 355 1.27 -13.05 27.42
C GLY C 355 1.67 -11.61 27.20
N ARG C 356 2.31 -11.35 26.05
CA ARG C 356 2.66 -10.00 25.61
C ARG C 356 1.41 -9.35 24.97
N HIS C 357 0.46 -10.20 24.59
CA HIS C 357 -0.86 -9.82 24.07
C HIS C 357 -1.82 -10.99 24.22
N TYR C 358 -3.12 -10.67 24.30
CA TYR C 358 -4.16 -11.68 24.58
C TYR C 358 -5.29 -11.70 23.56
N CYS C 359 -6.15 -12.72 23.68
CA CYS C 359 -7.31 -12.87 22.81
C CYS C 359 -8.64 -12.91 23.55
N TYR C 360 -9.61 -12.14 23.07
CA TYR C 360 -10.91 -12.07 23.72
C TYR C 360 -12.04 -12.48 22.77
N PRO C 361 -12.58 -13.70 22.94
CA PRO C 361 -13.70 -14.13 22.10
C PRO C 361 -15.01 -13.45 22.49
N HIS C 362 -15.92 -13.34 21.51
CA HIS C 362 -17.27 -12.86 21.72
C HIS C 362 -18.17 -13.48 20.66
N PHE C 363 -19.27 -14.10 21.09
CA PHE C 363 -20.29 -14.55 20.17
C PHE C 363 -21.19 -13.36 19.81
N THR C 364 -21.21 -12.97 18.54
CA THR C 364 -21.91 -11.73 18.18
C THR C 364 -22.81 -11.78 16.93
N CYS C 365 -23.73 -10.83 16.86
CA CYS C 365 -24.65 -10.67 15.74
C CYS C 365 -24.74 -9.17 15.40
N ALA C 366 -23.93 -8.73 14.44
CA ALA C 366 -23.80 -7.31 14.14
C ALA C 366 -25.11 -6.65 13.74
N VAL C 367 -26.02 -7.42 13.14
CA VAL C 367 -27.30 -6.86 12.67
C VAL C 367 -28.28 -6.69 13.81
N ASP C 368 -27.81 -6.92 15.03
CA ASP C 368 -28.64 -6.90 16.22
C ASP C 368 -28.09 -5.93 17.25
N THR C 369 -28.63 -4.71 17.27
CA THR C 369 -28.10 -3.64 18.11
C THR C 369 -28.13 -4.04 19.58
N GLU C 370 -28.95 -5.05 19.87
CA GLU C 370 -29.14 -5.51 21.24
C GLU C 370 -27.88 -6.20 21.70
N ASN C 371 -27.51 -7.23 20.96
CA ASN C 371 -26.30 -7.99 21.22
C ASN C 371 -25.00 -7.20 21.01
N ILE C 372 -25.07 -6.09 20.27
CA ILE C 372 -23.89 -5.29 20.03
C ILE C 372 -23.58 -4.35 21.18
N ARG C 373 -24.59 -3.67 21.71
CA ARG C 373 -24.36 -2.82 22.89
C ARG C 373 -23.69 -3.67 23.97
N ARG C 374 -24.35 -4.77 24.32
CA ARG C 374 -23.83 -5.75 25.25
C ARG C 374 -22.33 -6.03 25.03
N VAL C 375 -21.97 -6.53 23.85
CA VAL C 375 -20.58 -6.93 23.58
C VAL C 375 -19.58 -5.77 23.45
N PHE C 376 -19.93 -4.68 22.76
CA PHE C 376 -19.01 -3.55 22.72
C PHE C 376 -18.71 -3.03 24.12
N ASN C 377 -19.71 -3.09 25.01
CA ASN C 377 -19.49 -2.76 26.42
C ASN C 377 -18.52 -3.72 27.10
N ASP C 378 -18.72 -5.03 26.87
CA ASP C 378 -17.77 -6.07 27.29
C ASP C 378 -16.34 -5.70 26.89
N CYS C 379 -16.24 -4.84 25.87
CA CYS C 379 -14.96 -4.45 25.30
C CYS C 379 -14.34 -3.24 25.97
N ARG C 380 -15.16 -2.26 26.33
CA ARG C 380 -14.63 -1.09 27.04
C ARG C 380 -14.04 -1.50 28.39
N ASP C 381 -14.71 -2.44 29.05
CA ASP C 381 -14.20 -3.09 30.26
C ASP C 381 -12.75 -3.55 30.02
N ILE C 382 -12.59 -4.41 29.02
CA ILE C 382 -11.29 -4.95 28.61
C ILE C 382 -10.25 -3.87 28.30
N ILE C 383 -10.64 -2.88 27.49
CA ILE C 383 -9.75 -1.79 27.10
C ILE C 383 -9.26 -1.01 28.30
N GLN C 384 -10.16 -0.76 29.27
CA GLN C 384 -9.82 0.13 30.38
C GLN C 384 -9.02 -0.56 31.49
N ARG C 385 -9.20 -1.87 31.65
CA ARG C 385 -8.30 -2.67 32.47
C ARG C 385 -6.89 -2.68 31.85
N MET C 386 -6.72 -3.43 30.75
CA MET C 386 -5.46 -3.50 29.99
C MET C 386 -4.69 -2.18 29.85
N HIS C 387 -5.16 -1.29 28.98
CA HIS C 387 -4.44 -0.07 28.55
C HIS C 387 -3.90 0.72 29.75
N LEU C 388 -4.66 0.74 30.83
CA LEU C 388 -4.23 1.40 32.06
C LEU C 388 -3.50 0.42 32.98
MG MG D . 21.49 15.32 -17.02
C1 FOK E . 11.82 12.07 -3.75
O2 FOK E . 12.30 11.46 -2.55
C2 FOK E . 12.92 12.95 -4.37
C3 FOK E . 14.08 12.13 -4.90
C4 FOK E . 13.64 11.05 -5.87
C5 FOK E . 12.45 10.20 -5.33
C6 FOK E . 11.93 9.06 -6.24
O3 FOK E . 11.33 9.55 -7.45
C7 FOK E . 10.97 8.14 -5.44
O4 FOK E . 10.41 7.01 -6.13
C8 FOK E . 9.78 8.89 -4.85
O1 FOK E . 9.09 7.97 -4.01
C9 FOK E . 10.32 10.01 -3.97
O6 FOK E . 11.05 9.36 -2.92
C10 FOK E . 11.27 11.00 -4.71
C11 FOK E . 9.11 10.61 -3.32
O7 FOK E . 8.84 11.79 -3.46
C12 FOK E . 8.21 9.72 -2.48
C13 FOK E . 8.08 8.31 -3.06
C14 FOK E . 8.20 7.31 -1.93
C15 FOK E . 9.38 6.88 -1.52
C16 FOK E . 6.70 8.17 -3.67
C17 FOK E . 8.80 9.33 -5.94
C18 FOK E . 14.87 10.19 -6.04
C19 FOK E . 13.39 11.71 -7.24
C20 FOK E . 10.50 11.83 -5.75
C21 FOK E . 11.42 6.19 -6.72
O5 FOK E . 12.23 5.69 -5.95
C22 FOK E . 11.39 6.04 -8.21
P1 POP F . 21.55 14.70 -19.92
O1 POP F . 21.93 16.16 -20.05
O2 POP F . 22.67 13.80 -20.41
O3 POP F . 21.27 14.36 -18.47
O POP F . 20.22 14.49 -20.81
P2 POP F . 18.77 14.66 -20.14
O4 POP F . 17.74 14.64 -21.25
O5 POP F . 18.52 13.53 -19.17
O6 POP F . 18.72 15.99 -19.40
CL CL G . -15.12 -13.98 7.33
PG GSP H . -16.20 -5.35 3.87
O3B GSP H . -16.97 -6.61 4.47
S1G GSP H . -15.81 -5.68 2.23
O2G GSP H . -17.17 -4.14 4.11
O3G GSP H . -14.90 -5.08 4.65
PB GSP H . -17.67 -6.35 5.86
O1B GSP H . -16.89 -7.09 6.88
O2B GSP H . -17.70 -4.89 6.11
PA GSP H . -20.42 -6.10 5.93
O1A GSP H . -20.30 -5.52 7.29
O2A GSP H . -20.54 -5.08 4.86
O3A GSP H . -19.12 -6.99 5.68
O5' GSP H . -21.62 -7.16 5.94
C5' GSP H . -22.01 -7.72 4.72
C4' GSP H . -23.40 -8.29 4.94
O4' GSP H . -23.39 -9.09 6.11
C3' GSP H . -24.43 -7.19 5.16
O3' GSP H . -25.41 -7.30 4.16
C2' GSP H . -24.99 -7.46 6.54
O2' GSP H . -26.40 -7.37 6.55
C1' GSP H . -24.59 -8.88 6.83
N9 GSP H . -24.35 -9.11 8.25
C8 GSP H . -23.37 -8.57 9.01
N7 GSP H . -23.49 -9.04 10.27
C5 GSP H . -24.53 -9.89 10.31
C6 GSP H . -25.09 -10.64 11.34
O6 GSP H . -24.61 -10.59 12.47
N1 GSP H . -26.18 -11.44 11.08
C2 GSP H . -26.72 -11.50 9.82
N2 GSP H . -27.78 -12.26 9.61
N3 GSP H . -26.18 -10.75 8.79
C4 GSP H . -25.09 -9.95 9.04
#